data_7E9S
#
_entry.id   7E9S
#
_cell.length_a   345.740
_cell.length_b   48.690
_cell.length_c   63.560
_cell.angle_alpha   90.000
_cell.angle_beta   90.000
_cell.angle_gamma   90.000
#
_symmetry.space_group_name_H-M   'P 21 21 2'
#
loop_
_entity.id
_entity.type
_entity.pdbx_description
1 polymer 'Dolichyl-phosphooligosaccharide-protein glycotransferase 3'
2 polymer 'a polypeptide linked to an inhibitory N-glycosylation sequon-containing peptide'
3 non-polymer 'MANGANESE (II) ION'
4 non-polymer '[(3S,6Z,10Z,14Z,18Z,22Z,26Z,30Z,34Z,39S,43S)-3,7,11,15,19,23,27,31,35,39,43,47-dodecamethyloctatetraconta-6,10,14,18,22,26,30,34-octaenyl] dihydrogen phosphate'
5 non-polymer DI(HYDROXYETHYL)ETHER
6 non-polymer '(2R)-2,3-DIHYDROXYPROPYL (7Z)-TETRADEC-7-ENOATE'
7 water water
#
loop_
_entity_poly.entity_id
_entity_poly.type
_entity_poly.pdbx_seq_one_letter_code
_entity_poly.pdbx_strand_id
1 'polypeptide(L)'
;MQNAESWFKKYWHLSVLVIAALISVKLRILNPWNSVFTWTVRLGGNDPWYYYRLIENTIHNFPHRIWFDPFTYYPYGSYT
HFGPFLVYLGSIAGIIFSATSGESLRAVLAFIPAIGGVLAILPVYLLTREVFDKRAAVIAAFLIAIVPGQFLQRSILGFN
DHHIWEAFWQVSALGTFLLAYNRWKGHDLSHNLTARQMAYPVIAGITIGLYVLSWGAGFIIAPIILAFMFFAFVLAGFVN
ADRKNLSLVAVVTFAVSALIYLPFAFNYPGFSTIFYSPFQLLVLLGSAVIAAAFYQIEKWNDVGFFERVGLGRKGMPLAV
IVLTALIMGLFFVISPDFARNLLSVVRVVQPKGGALTIAEVYPFFFTHNGEFTLTNAVLHFGALFFFGMAGILYSAYRFL
KRRSFPEMALLIWAIAMFIALWGQNRFAYYFAAVSAVYSALALSVVFDKLHLYRALENAIGARNKLSYFRVAFALLIALA
AIYPTYILADAQSSYAGGPNKQWYDALTWMRENTPDGEKYDEYYLQLYPTPQSNKEPFSYPFETYGVISWWDYGHWIEAV
AHRMPIANPFQAGIGNKYNNVPGASSFFTAENESYAEFVAEKLNVKYVVSDIEMETCKYYAMAVWAEGDLPLAEKYYGGY
FYYSPTGTFGYANSQWDIPLNSIIIPLRIPSELYYSTMEAKLHLFDGSGLSHYRMIYESDYPAEWKSYSSQVNLNNESQV
LQTALYEAVMRARYGVSPTMGTQEVLYKYAYTQLYEKKMGIPVKIAPSGYVKIFERVKGAVVTGKVSANVTEVSVNATIK
TNQNRTFEYWQTVEVKNGTYTVVLPYSHNSDYPVKPITPYHIKAGNVVKEITIYESQVQNGEIIQLDLELALVPR
;
A
2 'polypeptide(L)' APY(DAB)VTASCR B
#
loop_
_chem_comp.id
_chem_comp.type
_chem_comp.name
_chem_comp.formula
7E8 non-polymer '(2R)-2,3-DIHYDROXYPROPYL (7Z)-TETRADEC-7-ENOATE' 'C17 H32 O4'
J06 non-polymer '[(3S,6Z,10Z,14Z,18Z,22Z,26Z,30Z,34Z,39S,43S)-3,7,11,15,19,23,27,31,35,39,43,47-dodecamethyloctatetraconta-6,10,14,18,22,26,30,34-octaenyl] dihydrogen phosphate' 'C60 H107 O4 P'
MN non-polymer 'MANGANESE (II) ION' 'Mn 2'
PEG non-polymer DI(HYDROXYETHYL)ETHER 'C4 H10 O3'
#
# COMPACT_ATOMS: atom_id res chain seq x y z
N SER A 6 30.93 24.69 31.42
CA SER A 6 30.15 23.68 32.13
C SER A 6 30.66 22.28 31.84
N TRP A 7 29.73 21.35 31.61
CA TRP A 7 30.08 19.96 31.30
C TRP A 7 29.64 19.51 29.92
N PHE A 8 28.95 20.35 29.15
CA PHE A 8 28.49 19.98 27.81
C PHE A 8 29.66 19.79 26.87
N LYS A 9 30.88 20.02 27.37
CA LYS A 9 32.09 19.80 26.61
C LYS A 9 32.10 18.40 26.00
N LYS A 10 32.25 18.34 24.68
CA LYS A 10 32.19 17.08 23.93
C LYS A 10 30.94 16.27 24.26
N TYR A 11 29.89 16.94 24.74
CA TYR A 11 28.70 16.24 25.24
C TYR A 11 27.37 16.84 24.82
N TRP A 12 27.31 18.07 24.31
CA TRP A 12 26.07 18.51 23.66
C TRP A 12 25.58 17.56 22.57
N HIS A 13 26.50 16.93 21.84
CA HIS A 13 26.06 16.14 20.68
C HIS A 13 25.13 15.01 21.09
N LEU A 14 25.23 14.53 22.34
CA LEU A 14 24.25 13.58 22.86
C LEU A 14 23.05 14.27 23.48
N SER A 15 23.17 15.54 23.89
CA SER A 15 22.03 16.26 24.44
C SER A 15 20.99 16.55 23.36
N VAL A 16 21.43 16.78 22.12
CA VAL A 16 20.48 17.02 21.03
C VAL A 16 19.83 15.72 20.59
N LEU A 17 20.62 14.64 20.52
CA LEU A 17 20.07 13.35 20.12
C LEU A 17 18.96 12.90 21.05
N VAL A 18 19.11 13.13 22.35
CA VAL A 18 18.06 12.78 23.30
C VAL A 18 16.83 13.65 23.07
N ILE A 19 17.03 14.95 22.86
CA ILE A 19 15.90 15.84 22.57
C ILE A 19 15.24 15.45 21.26
N ALA A 20 16.04 15.11 20.25
CA ALA A 20 15.48 14.67 18.98
C ALA A 20 14.66 13.39 19.14
N ALA A 21 15.13 12.47 19.99
CA ALA A 21 14.40 11.24 20.22
C ALA A 21 13.06 11.49 20.89
N LEU A 22 13.01 12.45 21.83
CA LEU A 22 11.76 12.75 22.51
C LEU A 22 10.75 13.39 21.57
N ILE A 23 11.20 14.28 20.69
CA ILE A 23 10.31 14.84 19.68
C ILE A 23 9.79 13.73 18.78
N SER A 24 10.67 12.79 18.41
CA SER A 24 10.23 11.65 17.61
C SER A 24 9.19 10.82 18.33
N VAL A 25 9.33 10.68 19.66
CA VAL A 25 8.37 9.89 20.43
C VAL A 25 7.02 10.60 20.47
N LYS A 26 7.02 11.91 20.68
CA LYS A 26 5.77 12.65 20.74
C LYS A 26 5.00 12.54 19.42
N LEU A 27 5.72 12.57 18.30
CA LEU A 27 5.06 12.48 17.00
C LEU A 27 4.64 11.04 16.68
N ARG A 28 5.47 10.07 17.05
CA ARG A 28 5.25 8.71 16.58
C ARG A 28 4.40 7.87 17.51
N ILE A 29 4.37 8.17 18.81
CA ILE A 29 3.70 7.35 19.80
C ILE A 29 2.53 8.08 20.44
N LEU A 30 2.74 9.33 20.85
CA LEU A 30 1.70 10.04 21.61
C LEU A 30 0.68 10.68 20.69
N ASN A 31 1.12 11.23 19.55
CA ASN A 31 0.19 11.88 18.63
C ASN A 31 -0.87 10.93 18.08
N PRO A 32 -0.54 9.72 17.60
CA PRO A 32 -1.60 8.85 17.07
C PRO A 32 -2.11 7.83 18.08
N TRP A 33 -1.87 8.08 19.36
CA TRP A 33 -2.23 7.10 20.39
C TRP A 33 -3.72 6.83 20.40
N ASN A 34 -4.53 7.88 20.35
CA ASN A 34 -5.98 7.71 20.38
C ASN A 34 -6.54 7.16 19.08
N SER A 35 -5.76 7.13 17.99
CA SER A 35 -6.22 6.52 16.76
C SER A 35 -5.91 5.04 16.68
N VAL A 36 -4.85 4.60 17.34
CA VAL A 36 -4.48 3.18 17.33
C VAL A 36 -5.19 2.41 18.42
N PHE A 37 -5.30 2.97 19.63
CA PHE A 37 -5.92 2.29 20.76
C PHE A 37 -7.33 2.85 20.95
N THR A 38 -8.30 2.22 20.28
CA THR A 38 -9.71 2.61 20.38
C THR A 38 -10.56 1.42 20.80
N TRP A 39 -11.78 1.34 20.26
CA TRP A 39 -12.59 0.12 20.28
C TRP A 39 -11.83 -1.16 19.93
N THR A 40 -10.73 -1.08 19.17
CA THR A 40 -9.80 -2.19 19.10
C THR A 40 -8.41 -1.61 18.86
N VAL A 41 -7.40 -2.46 18.87
CA VAL A 41 -6.06 -2.03 18.49
C VAL A 41 -6.02 -2.03 16.96
N ARG A 42 -5.90 -0.85 16.36
CA ARG A 42 -5.96 -0.68 14.91
C ARG A 42 -4.54 -0.60 14.37
N LEU A 43 -4.07 -1.67 13.75
CA LEU A 43 -2.88 -1.60 12.92
C LEU A 43 -3.22 -0.82 11.65
N GLY A 44 -2.30 0.07 11.26
CA GLY A 44 -2.59 0.96 10.15
C GLY A 44 -2.58 0.27 8.81
N GLY A 45 -3.20 0.93 7.83
CA GLY A 45 -3.10 0.50 6.45
C GLY A 45 -3.67 -0.89 6.22
N ASN A 46 -2.94 -1.68 5.44
CA ASN A 46 -3.35 -3.03 5.08
C ASN A 46 -2.23 -4.02 5.35
N ASP A 47 -1.04 -3.73 4.84
CA ASP A 47 0.08 -4.64 4.99
C ASP A 47 0.48 -4.91 6.45
N PRO A 48 0.43 -3.95 7.38
CA PRO A 48 0.68 -4.32 8.79
C PRO A 48 -0.25 -5.41 9.29
N TRP A 49 -1.44 -5.56 8.70
CA TRP A 49 -2.32 -6.65 9.10
C TRP A 49 -1.86 -7.99 8.57
N TYR A 50 -1.15 -8.01 7.43
CA TYR A 50 -0.62 -9.28 6.95
C TYR A 50 0.64 -9.71 7.70
N TYR A 51 1.47 -8.75 8.12
CA TYR A 51 2.56 -9.07 9.03
C TYR A 51 2.02 -9.67 10.32
N TYR A 52 0.95 -9.07 10.85
CA TYR A 52 0.28 -9.61 12.03
C TYR A 52 -0.18 -11.05 11.79
N ARG A 53 -0.63 -11.35 10.57
CA ARG A 53 -0.98 -12.72 10.21
C ARG A 53 0.23 -13.64 10.27
N LEU A 54 1.33 -13.21 9.64
CA LEU A 54 2.54 -14.05 9.60
C LEU A 54 3.13 -14.22 10.99
N ILE A 55 3.06 -13.19 11.82
CA ILE A 55 3.73 -13.22 13.12
C ILE A 55 3.03 -14.18 14.08
N GLU A 56 1.70 -14.15 14.12
CA GLU A 56 0.99 -15.06 15.00
C GLU A 56 1.01 -16.49 14.49
N ASN A 57 1.29 -16.69 13.20
CA ASN A 57 1.57 -18.04 12.71
C ASN A 57 2.99 -18.47 13.08
N THR A 58 3.95 -17.56 12.93
CA THR A 58 5.33 -17.88 13.30
C THR A 58 5.45 -18.14 14.80
N ILE A 59 4.73 -17.36 15.61
CA ILE A 59 4.75 -17.58 17.06
C ILE A 59 4.23 -18.96 17.39
N HIS A 60 3.17 -19.40 16.69
CA HIS A 60 2.60 -20.71 16.98
C HIS A 60 3.53 -21.84 16.56
N ASN A 61 4.33 -21.64 15.52
CA ASN A 61 5.25 -22.66 15.04
C ASN A 61 6.71 -22.26 15.25
N PHE A 62 6.98 -21.50 16.28
CA PHE A 62 8.34 -21.01 16.52
C PHE A 62 9.29 -22.19 16.70
N PRO A 63 10.51 -22.13 16.13
CA PRO A 63 11.05 -20.98 15.40
C PRO A 63 10.78 -21.00 13.89
N HIS A 64 9.84 -21.83 13.44
CA HIS A 64 9.63 -22.01 12.01
C HIS A 64 8.71 -20.91 11.46
N ARG A 65 8.67 -20.84 10.13
CA ARG A 65 8.01 -19.74 9.43
C ARG A 65 7.52 -20.27 8.08
N ILE A 66 6.36 -19.78 7.65
CA ILE A 66 5.79 -20.19 6.36
C ILE A 66 6.36 -19.30 5.26
N TRP A 67 6.45 -19.86 4.07
CA TRP A 67 6.87 -19.12 2.88
C TRP A 67 5.83 -19.17 1.78
N PHE A 68 4.65 -19.71 2.07
CA PHE A 68 3.54 -19.80 1.12
C PHE A 68 2.25 -19.81 1.93
N ASP A 69 1.27 -19.03 1.51
CA ASP A 69 0.03 -18.84 2.25
C ASP A 69 -1.18 -19.26 1.43
N PRO A 70 -1.79 -20.42 1.72
CA PRO A 70 -2.99 -20.84 0.95
C PRO A 70 -4.26 -20.06 1.28
N PHE A 71 -4.37 -19.46 2.48
CA PHE A 71 -5.46 -18.51 2.76
C PHE A 71 -5.62 -17.46 1.67
N THR A 72 -4.63 -16.59 1.49
CA THR A 72 -4.86 -15.49 0.58
C THR A 72 -4.74 -15.96 -0.88
N TYR A 73 -5.25 -15.14 -1.78
CA TYR A 73 -5.26 -15.44 -3.23
C TYR A 73 -6.01 -16.75 -3.50
N TYR A 74 -7.18 -16.88 -2.88
CA TYR A 74 -8.00 -18.08 -3.06
C TYR A 74 -8.41 -18.21 -4.53
N PRO A 75 -8.42 -19.43 -5.09
CA PRO A 75 -8.04 -20.68 -4.42
C PRO A 75 -6.63 -21.17 -4.75
N TYR A 76 -5.71 -20.25 -5.04
CA TYR A 76 -4.37 -20.63 -5.47
C TYR A 76 -3.32 -20.51 -4.38
N GLY A 77 -3.50 -19.57 -3.44
CA GLY A 77 -2.45 -19.29 -2.48
C GLY A 77 -1.34 -18.47 -3.11
N SER A 78 -0.62 -17.70 -2.31
CA SER A 78 0.43 -16.83 -2.82
C SER A 78 1.69 -16.99 -1.98
N TYR A 79 2.84 -16.86 -2.64
CA TYR A 79 4.12 -16.91 -1.95
C TYR A 79 4.31 -15.65 -1.12
N THR A 80 4.92 -15.81 0.05
CA THR A 80 5.09 -14.71 1.00
C THR A 80 6.42 -14.02 0.74
N HIS A 81 6.38 -12.77 0.31
CA HIS A 81 7.59 -11.99 0.06
C HIS A 81 7.99 -11.14 1.26
N PHE A 82 7.18 -11.10 2.32
CA PHE A 82 7.53 -10.34 3.51
C PHE A 82 8.75 -10.94 4.19
N GLY A 83 9.66 -10.07 4.61
CA GLY A 83 10.97 -10.49 5.08
C GLY A 83 10.97 -11.18 6.43
N PRO A 84 11.95 -12.07 6.63
CA PRO A 84 12.06 -12.74 7.94
C PRO A 84 12.47 -11.82 9.07
N PHE A 85 13.04 -10.64 8.78
CA PHE A 85 13.47 -9.75 9.84
C PHE A 85 12.26 -9.26 10.65
N LEU A 86 11.35 -8.52 10.01
CA LEU A 86 10.20 -7.99 10.73
C LEU A 86 9.33 -9.11 11.28
N VAL A 87 9.18 -10.21 10.52
CA VAL A 87 8.38 -11.32 10.97
C VAL A 87 8.94 -11.91 12.27
N TYR A 88 10.26 -12.18 12.27
CA TYR A 88 10.86 -12.77 13.47
C TYR A 88 11.02 -11.76 14.59
N LEU A 89 11.19 -10.47 14.26
CA LEU A 89 11.24 -9.44 15.29
C LEU A 89 9.93 -9.39 16.07
N GLY A 90 8.80 -9.24 15.35
CA GLY A 90 7.51 -9.22 16.01
C GLY A 90 7.18 -10.52 16.71
N SER A 91 7.62 -11.65 16.15
CA SER A 91 7.36 -12.94 16.77
C SER A 91 8.07 -13.05 18.11
N ILE A 92 9.34 -12.68 18.16
CA ILE A 92 10.07 -12.72 19.42
C ILE A 92 9.53 -11.68 20.39
N ALA A 93 9.20 -10.49 19.89
CA ALA A 93 8.63 -9.45 20.75
C ALA A 93 7.32 -9.91 21.37
N GLY A 94 6.52 -10.67 20.63
CA GLY A 94 5.26 -11.15 21.17
C GLY A 94 5.46 -12.19 22.26
N ILE A 95 6.47 -13.04 22.11
CA ILE A 95 6.72 -14.07 23.11
C ILE A 95 7.27 -13.45 24.39
N ILE A 96 8.14 -12.45 24.26
CA ILE A 96 8.72 -11.80 25.44
C ILE A 96 7.64 -11.13 26.28
N PHE A 97 6.64 -10.54 25.63
CA PHE A 97 5.52 -9.93 26.32
C PHE A 97 4.32 -10.85 26.44
N SER A 98 4.51 -12.14 26.19
CA SER A 98 3.45 -13.16 26.31
C SER A 98 2.16 -12.72 25.64
N ALA A 99 2.29 -12.27 24.39
CA ALA A 99 1.16 -11.88 23.55
C ALA A 99 1.30 -12.63 22.23
N THR A 100 0.60 -13.76 22.11
CA THR A 100 0.80 -14.69 21.01
C THR A 100 -0.24 -14.58 19.90
N SER A 101 -1.31 -13.83 20.11
CA SER A 101 -2.34 -13.64 19.08
C SER A 101 -3.30 -12.56 19.55
N GLY A 102 -4.24 -12.21 18.68
CA GLY A 102 -5.33 -11.34 19.07
C GLY A 102 -4.91 -9.90 19.31
N GLU A 103 -5.78 -9.19 20.01
CA GLU A 103 -5.58 -7.77 20.26
C GLU A 103 -4.32 -7.50 21.07
N SER A 104 -3.96 -8.41 21.98
CA SER A 104 -2.77 -8.20 22.79
C SER A 104 -1.50 -8.27 21.96
N LEU A 105 -1.48 -9.10 20.90
CA LEU A 105 -0.33 -9.15 20.03
C LEU A 105 -0.21 -7.87 19.20
N ARG A 106 -1.34 -7.35 18.72
CA ARG A 106 -1.32 -6.11 17.93
C ARG A 106 -0.82 -4.93 18.74
N ALA A 107 -1.12 -4.90 20.05
CA ALA A 107 -0.63 -3.82 20.89
C ALA A 107 0.89 -3.82 20.98
N VAL A 108 1.50 -5.00 20.97
CA VAL A 108 2.97 -5.07 20.98
C VAL A 108 3.52 -4.67 19.61
N LEU A 109 2.92 -5.19 18.54
CA LEU A 109 3.42 -4.90 17.19
C LEU A 109 3.28 -3.43 16.82
N ALA A 110 2.33 -2.71 17.44
CA ALA A 110 2.12 -1.31 17.08
C ALA A 110 3.32 -0.44 17.43
N PHE A 111 4.11 -0.82 18.44
CA PHE A 111 5.24 -0.01 18.85
C PHE A 111 6.48 -0.24 18.00
N ILE A 112 6.59 -1.39 17.32
CA ILE A 112 7.77 -1.68 16.53
C ILE A 112 8.03 -0.62 15.45
N PRO A 113 7.04 -0.21 14.65
CA PRO A 113 7.35 0.84 13.65
C PRO A 113 7.75 2.16 14.27
N ALA A 114 7.16 2.51 15.41
CA ALA A 114 7.53 3.77 16.07
C ALA A 114 8.96 3.70 16.60
N ILE A 115 9.35 2.58 17.20
CA ILE A 115 10.70 2.45 17.71
C ILE A 115 11.72 2.50 16.59
N GLY A 116 11.40 1.89 15.44
CA GLY A 116 12.28 1.99 14.29
C GLY A 116 12.45 3.42 13.81
N GLY A 117 11.37 4.21 13.87
CA GLY A 117 11.46 5.60 13.46
C GLY A 117 12.36 6.41 14.38
N VAL A 118 12.28 6.17 15.68
CA VAL A 118 13.15 6.86 16.62
C VAL A 118 14.59 6.40 16.46
N LEU A 119 14.79 5.09 16.32
CA LEU A 119 16.14 4.56 16.21
C LEU A 119 16.85 4.99 14.94
N ALA A 120 16.10 5.41 13.91
CA ALA A 120 16.71 5.89 12.67
C ALA A 120 17.60 7.11 12.88
N ILE A 121 17.50 7.77 14.03
CA ILE A 121 18.38 8.88 14.36
C ILE A 121 19.84 8.43 14.33
N LEU A 122 20.11 7.20 14.79
CA LEU A 122 21.49 6.73 14.87
C LEU A 122 22.12 6.50 13.50
N PRO A 123 21.54 5.70 12.60
CA PRO A 123 22.19 5.51 11.29
C PRO A 123 22.28 6.77 10.47
N VAL A 124 21.36 7.72 10.66
CA VAL A 124 21.46 9.01 9.98
C VAL A 124 22.65 9.81 10.51
N TYR A 125 22.87 9.77 11.83
CA TYR A 125 24.04 10.41 12.40
C TYR A 125 25.32 9.79 11.86
N LEU A 126 25.37 8.45 11.79
CA LEU A 126 26.60 7.78 11.37
C LEU A 126 26.95 8.13 9.93
N LEU A 127 25.99 8.00 9.02
CA LEU A 127 26.24 8.28 7.61
C LEU A 127 26.69 9.73 7.42
N THR A 128 26.08 10.67 8.17
CA THR A 128 26.43 12.07 7.99
C THR A 128 27.80 12.39 8.57
N ARG A 129 28.17 11.75 9.68
CA ARG A 129 29.49 11.98 10.26
C ARG A 129 30.59 11.41 9.39
N GLU A 130 30.41 10.19 8.88
CA GLU A 130 31.43 9.54 8.08
C GLU A 130 31.64 10.20 6.72
N VAL A 131 30.73 11.07 6.29
CA VAL A 131 30.85 11.80 5.03
C VAL A 131 31.24 13.25 5.28
N PHE A 132 30.45 13.98 6.07
CA PHE A 132 30.72 15.39 6.34
C PHE A 132 31.44 15.55 7.67
N ASP A 133 30.83 16.29 8.60
CA ASP A 133 31.48 16.55 9.88
C ASP A 133 30.65 16.08 11.05
N LYS A 134 30.95 16.59 12.24
CA LYS A 134 30.30 16.16 13.47
C LYS A 134 29.10 17.03 13.80
N ARG A 135 29.18 18.33 13.49
CA ARG A 135 28.06 19.23 13.73
C ARG A 135 26.89 18.88 12.82
N ALA A 136 27.16 18.71 11.52
CA ALA A 136 26.09 18.41 10.57
C ALA A 136 25.39 17.11 10.91
N ALA A 137 26.14 16.11 11.38
CA ALA A 137 25.52 14.85 11.79
C ALA A 137 24.50 15.06 12.90
N VAL A 138 24.68 16.11 13.71
CA VAL A 138 23.73 16.42 14.77
C VAL A 138 22.47 17.05 14.19
N ILE A 139 22.60 17.96 13.21
CA ILE A 139 21.41 18.51 12.57
C ILE A 139 20.62 17.40 11.88
N ALA A 140 21.31 16.52 11.14
CA ALA A 140 20.63 15.47 10.39
C ALA A 140 19.87 14.53 11.33
N ALA A 141 20.44 14.25 12.51
CA ALA A 141 19.72 13.45 13.49
C ALA A 141 18.45 14.16 13.95
N PHE A 142 18.53 15.47 14.18
CA PHE A 142 17.35 16.23 14.57
C PHE A 142 16.35 16.34 13.43
N LEU A 143 16.84 16.59 12.21
CA LEU A 143 15.93 16.76 11.08
C LEU A 143 15.21 15.47 10.73
N ILE A 144 15.83 14.32 10.95
CA ILE A 144 15.16 13.06 10.62
C ILE A 144 14.10 12.73 11.66
N ALA A 145 14.11 13.43 12.79
CA ALA A 145 13.10 13.25 13.83
C ALA A 145 11.81 14.03 13.55
N ILE A 146 11.83 14.96 12.59
CA ILE A 146 10.67 15.77 12.28
C ILE A 146 10.26 15.70 10.82
N VAL A 147 11.00 15.00 9.97
CA VAL A 147 10.63 14.96 8.56
C VAL A 147 9.29 14.24 8.41
N PRO A 148 8.33 14.80 7.68
CA PRO A 148 7.01 14.15 7.56
C PRO A 148 6.92 13.22 6.37
N GLY A 149 5.73 13.12 5.78
CA GLY A 149 5.54 12.35 4.57
C GLY A 149 5.54 10.84 4.80
N GLN A 150 5.88 10.12 3.74
CA GLN A 150 5.85 8.66 3.77
C GLN A 150 6.78 8.09 4.83
N PHE A 151 7.84 8.81 5.18
CA PHE A 151 8.74 8.32 6.22
C PHE A 151 8.06 8.37 7.59
N LEU A 152 7.43 9.49 7.94
CA LEU A 152 6.76 9.60 9.23
C LEU A 152 5.53 8.71 9.30
N GLN A 153 4.77 8.63 8.20
CA GLN A 153 3.51 7.89 8.23
C GLN A 153 3.73 6.38 8.27
N ARG A 154 4.80 5.88 7.65
CA ARG A 154 5.11 4.46 7.67
C ARG A 154 6.01 4.06 8.83
N SER A 155 6.31 4.99 9.74
CA SER A 155 7.03 4.71 10.97
C SER A 155 6.25 5.16 12.19
N ILE A 156 4.94 5.34 12.05
CA ILE A 156 4.07 5.83 13.10
C ILE A 156 3.60 4.65 13.95
N LEU A 157 2.99 4.95 15.10
CA LEU A 157 2.43 3.90 15.94
C LEU A 157 1.36 3.13 15.16
N GLY A 158 1.47 1.80 15.19
CA GLY A 158 0.50 0.93 14.57
C GLY A 158 0.80 0.54 13.14
N PHE A 159 1.64 1.28 12.43
CA PHE A 159 1.94 0.96 11.03
C PHE A 159 3.14 0.01 10.97
N ASN A 160 2.92 -1.19 11.51
CA ASN A 160 3.96 -2.22 11.55
C ASN A 160 4.15 -2.81 10.16
N ASP A 161 4.84 -2.05 9.31
CA ASP A 161 5.28 -2.50 8.00
C ASP A 161 6.79 -2.46 7.94
N HIS A 162 7.35 -3.03 6.86
CA HIS A 162 8.80 -3.13 6.71
C HIS A 162 9.42 -1.92 6.05
N HIS A 163 8.66 -0.87 5.77
CA HIS A 163 9.20 0.27 5.05
C HIS A 163 10.17 1.08 5.91
N ILE A 164 9.89 1.19 7.20
CA ILE A 164 10.82 1.90 8.08
C ILE A 164 12.13 1.13 8.19
N TRP A 165 12.05 -0.20 8.18
CA TRP A 165 13.25 -1.02 8.27
C TRP A 165 14.02 -1.06 6.96
N GLU A 166 13.35 -0.79 5.83
CA GLU A 166 14.07 -0.50 4.60
C GLU A 166 14.98 0.71 4.78
N ALA A 167 14.40 1.83 5.23
CA ALA A 167 15.17 3.06 5.37
C ALA A 167 16.22 2.93 6.47
N PHE A 168 15.89 2.21 7.55
CA PHE A 168 16.82 2.09 8.66
C PHE A 168 18.07 1.30 8.24
N TRP A 169 17.89 0.21 7.52
CA TRP A 169 19.01 -0.66 7.16
C TRP A 169 19.74 -0.21 5.91
N GLN A 170 19.09 0.52 5.01
CA GLN A 170 19.79 1.07 3.87
C GLN A 170 20.77 2.15 4.30
N VAL A 171 20.31 3.09 5.14
CA VAL A 171 21.19 4.12 5.67
C VAL A 171 22.25 3.49 6.58
N SER A 172 21.88 2.46 7.33
CA SER A 172 22.86 1.75 8.16
C SER A 172 23.92 1.10 7.29
N ALA A 173 23.52 0.52 6.16
CA ALA A 173 24.49 -0.12 5.27
C ALA A 173 25.47 0.90 4.71
N LEU A 174 24.97 2.05 4.26
CA LEU A 174 25.85 3.05 3.68
C LEU A 174 26.75 3.68 4.73
N GLY A 175 26.22 3.90 5.93
CA GLY A 175 27.05 4.46 6.99
C GLY A 175 28.15 3.50 7.43
N THR A 176 27.80 2.24 7.67
CA THR A 176 28.78 1.26 8.10
C THR A 176 29.80 0.96 7.00
N PHE A 177 29.37 0.99 5.74
CA PHE A 177 30.31 0.77 4.65
C PHE A 177 31.32 1.92 4.57
N LEU A 178 30.83 3.16 4.57
CA LEU A 178 31.73 4.31 4.48
C LEU A 178 32.55 4.49 5.75
N LEU A 179 32.04 4.03 6.89
CA LEU A 179 32.87 4.00 8.09
C LEU A 179 34.00 2.98 7.94
N ALA A 180 33.71 1.85 7.31
CA ALA A 180 34.75 0.84 7.08
C ALA A 180 35.81 1.36 6.13
N TYR A 181 35.40 2.05 5.05
CA TYR A 181 36.37 2.64 4.15
C TYR A 181 37.22 3.69 4.85
N ASN A 182 36.62 4.45 5.77
CA ASN A 182 37.36 5.49 6.47
C ASN A 182 38.36 4.89 7.46
N ARG A 183 38.00 3.78 8.09
CA ARG A 183 38.91 3.12 9.02
C ARG A 183 39.99 2.32 8.31
N TRP A 184 39.78 1.97 7.04
CA TRP A 184 40.72 1.15 6.30
C TRP A 184 41.66 1.95 5.40
N LYS A 185 41.27 3.16 5.00
CA LYS A 185 42.05 3.91 4.01
C LYS A 185 43.41 4.32 4.58
N GLY A 186 44.40 4.33 3.71
CA GLY A 186 45.75 4.74 4.08
C GLY A 186 46.56 3.70 4.83
N HIS A 187 45.97 2.55 5.14
CA HIS A 187 46.67 1.49 5.87
C HIS A 187 46.97 0.33 4.95
N ASP A 188 48.07 -0.35 5.22
CA ASP A 188 48.43 -1.54 4.46
C ASP A 188 47.57 -2.71 4.89
N LEU A 189 47.63 -3.80 4.12
CA LEU A 189 46.72 -4.92 4.34
C LEU A 189 46.99 -5.64 5.65
N SER A 190 48.25 -5.78 6.05
CA SER A 190 48.54 -6.45 7.32
C SER A 190 47.91 -5.70 8.50
N HIS A 191 47.74 -4.38 8.39
CA HIS A 191 47.07 -3.63 9.45
C HIS A 191 45.56 -3.79 9.38
N ASN A 192 45.01 -3.83 8.17
CA ASN A 192 43.56 -4.00 8.00
C ASN A 192 43.10 -5.44 8.26
N LEU A 193 44.02 -6.39 8.39
CA LEU A 193 43.66 -7.78 8.66
C LEU A 193 43.52 -8.07 10.15
N THR A 194 43.82 -7.11 11.02
CA THR A 194 43.63 -7.30 12.45
C THR A 194 42.15 -7.45 12.76
N ALA A 195 41.85 -8.03 13.93
CA ALA A 195 40.46 -8.24 14.32
C ALA A 195 39.73 -6.91 14.49
N ARG A 196 40.42 -5.89 15.03
CA ARG A 196 39.81 -4.59 15.17
C ARG A 196 39.43 -4.01 13.81
N GLN A 197 40.30 -4.13 12.81
CA GLN A 197 40.01 -3.58 11.50
C GLN A 197 39.03 -4.45 10.72
N MET A 198 39.10 -5.77 10.88
CA MET A 198 38.16 -6.65 10.18
C MET A 198 36.73 -6.48 10.66
N ALA A 199 36.53 -5.94 11.87
CA ALA A 199 35.18 -5.79 12.39
C ALA A 199 34.37 -4.77 11.60
N TYR A 200 35.04 -3.79 10.98
CA TYR A 200 34.29 -2.76 10.27
C TYR A 200 33.61 -3.28 9.01
N PRO A 201 34.30 -3.97 8.08
CA PRO A 201 33.57 -4.50 6.92
C PRO A 201 32.62 -5.63 7.29
N VAL A 202 32.90 -6.36 8.36
CA VAL A 202 31.98 -7.40 8.82
C VAL A 202 30.67 -6.77 9.28
N ILE A 203 30.75 -5.67 10.04
CA ILE A 203 29.54 -4.99 10.48
C ILE A 203 28.78 -4.45 9.28
N ALA A 204 29.49 -3.89 8.31
CA ALA A 204 28.85 -3.38 7.10
C ALA A 204 28.15 -4.50 6.34
N GLY A 205 28.75 -5.69 6.32
CA GLY A 205 28.12 -6.81 5.64
C GLY A 205 26.86 -7.29 6.34
N ILE A 206 26.86 -7.24 7.67
CA ILE A 206 25.69 -7.66 8.44
C ILE A 206 24.52 -6.71 8.21
N THR A 207 24.79 -5.41 8.21
CA THR A 207 23.73 -4.43 7.95
C THR A 207 23.15 -4.60 6.54
N ILE A 208 23.98 -4.98 5.56
CA ILE A 208 23.46 -5.24 4.23
C ILE A 208 22.59 -6.49 4.23
N GLY A 209 23.04 -7.55 4.91
CA GLY A 209 22.23 -8.74 5.02
C GLY A 209 20.90 -8.49 5.70
N LEU A 210 20.92 -7.73 6.81
CA LEU A 210 19.69 -7.40 7.49
C LEU A 210 18.78 -6.52 6.63
N TYR A 211 19.37 -5.73 5.73
CA TYR A 211 18.57 -4.96 4.78
C TYR A 211 17.82 -5.87 3.84
N VAL A 212 18.51 -6.87 3.28
CA VAL A 212 17.86 -7.82 2.39
C VAL A 212 16.87 -8.70 3.15
N LEU A 213 17.20 -9.05 4.39
CA LEU A 213 16.32 -9.87 5.20
C LEU A 213 15.06 -9.11 5.65
N SER A 214 15.01 -7.80 5.44
CA SER A 214 13.78 -7.04 5.65
C SER A 214 13.02 -6.75 4.36
N TRP A 215 13.68 -6.89 3.21
CA TRP A 215 13.08 -6.54 1.93
C TRP A 215 13.83 -7.31 0.84
N GLY A 216 13.14 -8.25 0.19
CA GLY A 216 13.80 -9.06 -0.83
C GLY A 216 14.44 -8.25 -1.93
N ALA A 217 13.86 -7.08 -2.24
CA ALA A 217 14.45 -6.17 -3.23
C ALA A 217 15.59 -5.35 -2.66
N GLY A 218 16.01 -5.63 -1.42
CA GLY A 218 17.14 -4.95 -0.82
C GLY A 218 18.48 -5.25 -1.45
N PHE A 219 18.53 -6.19 -2.40
CA PHE A 219 19.77 -6.45 -3.13
C PHE A 219 20.22 -5.24 -3.93
N ILE A 220 19.34 -4.27 -4.14
CA ILE A 220 19.68 -3.05 -4.88
C ILE A 220 20.83 -2.29 -4.23
N ILE A 221 21.11 -2.53 -2.95
CA ILE A 221 22.22 -1.87 -2.28
C ILE A 221 23.56 -2.31 -2.88
N ALA A 222 23.62 -3.50 -3.48
CA ALA A 222 24.89 -3.97 -4.04
C ALA A 222 25.28 -3.23 -5.30
N PRO A 223 24.41 -3.06 -6.31
CA PRO A 223 24.82 -2.26 -7.49
C PRO A 223 25.07 -0.79 -7.16
N ILE A 224 24.44 -0.27 -6.10
CA ILE A 224 24.75 1.09 -5.67
C ILE A 224 26.17 1.17 -5.14
N ILE A 225 26.55 0.22 -4.28
CA ILE A 225 27.91 0.18 -3.79
C ILE A 225 28.89 -0.14 -4.93
N LEU A 226 28.50 -0.99 -5.89
CA LEU A 226 29.40 -1.21 -7.01
C LEU A 226 29.50 0.06 -7.86
N ALA A 227 28.43 0.85 -7.90
CA ALA A 227 28.51 2.12 -8.61
C ALA A 227 29.50 3.07 -7.94
N PHE A 228 29.71 2.91 -6.63
CA PHE A 228 30.72 3.70 -5.95
C PHE A 228 32.11 3.36 -6.46
N MET A 229 32.41 2.07 -6.61
CA MET A 229 33.74 1.65 -7.04
C MET A 229 33.93 1.90 -8.53
N PHE A 230 32.90 1.68 -9.34
CA PHE A 230 33.03 1.88 -10.78
C PHE A 230 33.42 3.31 -11.10
N PHE A 231 32.72 4.28 -10.50
CA PHE A 231 33.02 5.68 -10.78
C PHE A 231 34.29 6.15 -10.09
N ALA A 232 34.67 5.51 -8.98
CA ALA A 232 35.95 5.85 -8.34
C ALA A 232 37.14 5.34 -9.13
N PHE A 233 36.96 4.29 -9.94
CA PHE A 233 38.07 3.74 -10.71
C PHE A 233 38.26 4.51 -12.02
N VAL A 234 37.20 4.58 -12.84
CA VAL A 234 37.28 5.31 -14.11
C VAL A 234 37.65 6.77 -13.92
N LEU A 235 37.57 7.28 -12.70
CA LEU A 235 37.96 8.65 -12.40
C LEU A 235 39.13 8.67 -11.43
N ALA A 236 40.17 7.87 -11.72
CA ALA A 236 41.28 7.72 -10.78
C ALA A 236 42.08 9.01 -10.66
N GLY A 237 42.36 9.68 -11.79
CA GLY A 237 43.02 10.97 -11.71
C GLY A 237 42.09 12.06 -11.24
N PHE A 238 40.79 11.89 -11.47
CA PHE A 238 39.77 12.84 -11.04
C PHE A 238 39.61 12.80 -9.53
N VAL A 239 38.96 11.75 -9.00
CA VAL A 239 38.65 11.64 -7.58
C VAL A 239 39.85 11.02 -6.85
N ASN A 240 39.96 11.34 -5.56
CA ASN A 240 41.03 10.83 -4.70
C ASN A 240 40.42 9.82 -3.73
N ALA A 241 40.77 8.55 -3.92
CA ALA A 241 40.22 7.48 -3.09
C ALA A 241 41.22 6.34 -3.02
N ASP A 242 41.34 5.74 -1.84
CA ASP A 242 42.13 4.53 -1.67
C ASP A 242 41.41 3.37 -2.35
N ARG A 243 41.61 3.21 -3.66
CA ARG A 243 40.83 2.26 -4.43
C ARG A 243 41.11 0.81 -4.01
N LYS A 244 42.36 0.52 -3.63
CA LYS A 244 42.70 -0.86 -3.27
C LYS A 244 42.01 -1.28 -1.98
N ASN A 245 42.00 -0.41 -0.96
CA ASN A 245 41.31 -0.74 0.28
C ASN A 245 39.80 -0.67 0.12
N LEU A 246 39.31 0.22 -0.75
CA LEU A 246 37.88 0.25 -1.02
C LEU A 246 37.41 -1.05 -1.67
N SER A 247 38.24 -1.64 -2.53
CA SER A 247 37.89 -2.92 -3.13
C SER A 247 37.87 -4.05 -2.10
N LEU A 248 38.82 -4.03 -1.16
CA LEU A 248 38.89 -5.09 -0.16
C LEU A 248 37.76 -4.98 0.86
N VAL A 249 37.42 -3.76 1.26
CA VAL A 249 36.27 -3.56 2.14
C VAL A 249 35.01 -4.14 1.49
N ALA A 250 34.85 -3.90 0.18
CA ALA A 250 33.67 -4.41 -0.52
C ALA A 250 33.65 -5.93 -0.57
N VAL A 251 34.82 -6.55 -0.73
CA VAL A 251 34.87 -8.01 -0.81
C VAL A 251 34.42 -8.63 0.50
N VAL A 252 34.97 -8.14 1.62
CA VAL A 252 34.55 -8.64 2.93
C VAL A 252 33.07 -8.32 3.18
N THR A 253 32.65 -7.11 2.79
CA THR A 253 31.28 -6.69 3.05
C THR A 253 30.27 -7.56 2.32
N PHE A 254 30.52 -7.87 1.05
CA PHE A 254 29.57 -8.66 0.27
C PHE A 254 29.63 -10.14 0.62
N ALA A 255 30.81 -10.66 0.97
CA ALA A 255 30.91 -12.06 1.36
C ALA A 255 30.12 -12.33 2.63
N VAL A 256 30.29 -11.48 3.64
CA VAL A 256 29.52 -11.63 4.88
C VAL A 256 28.03 -11.52 4.59
N SER A 257 27.63 -10.55 3.77
CA SER A 257 26.22 -10.37 3.46
C SER A 257 25.64 -11.61 2.79
N ALA A 258 26.41 -12.24 1.89
CA ALA A 258 25.94 -13.47 1.26
C ALA A 258 25.81 -14.60 2.27
N LEU A 259 26.71 -14.64 3.26
CA LEU A 259 26.61 -15.65 4.31
C LEU A 259 25.38 -15.41 5.19
N ILE A 260 25.07 -14.14 5.46
CA ILE A 260 23.89 -13.81 6.26
C ILE A 260 22.63 -14.21 5.50
N TYR A 261 22.61 -13.99 4.19
CA TYR A 261 21.42 -14.29 3.39
C TYR A 261 21.27 -15.77 3.07
N LEU A 262 22.37 -16.53 3.10
CA LEU A 262 22.34 -17.93 2.67
C LEU A 262 21.25 -18.76 3.33
N PRO A 263 21.06 -18.77 4.65
CA PRO A 263 20.05 -19.67 5.24
C PRO A 263 18.61 -19.34 4.83
N PHE A 264 18.36 -18.22 4.16
CA PHE A 264 17.03 -17.85 3.70
C PHE A 264 16.91 -17.85 2.18
N ALA A 265 17.89 -18.41 1.48
CA ALA A 265 18.01 -18.24 0.04
C ALA A 265 17.16 -19.21 -0.78
N PHE A 266 16.65 -20.29 -0.19
CA PHE A 266 16.00 -21.32 -1.00
C PHE A 266 14.53 -21.50 -0.62
N ASN A 267 13.81 -20.39 -0.48
CA ASN A 267 12.39 -20.42 -0.13
C ASN A 267 11.48 -20.05 -1.29
N TYR A 268 12.01 -20.01 -2.51
CA TYR A 268 11.22 -19.70 -3.70
C TYR A 268 11.75 -20.58 -4.83
N PRO A 269 10.88 -21.21 -5.62
CA PRO A 269 11.36 -22.19 -6.62
C PRO A 269 11.81 -21.56 -7.93
N GLY A 270 12.51 -20.43 -7.87
CA GLY A 270 12.99 -19.79 -9.08
C GLY A 270 13.66 -18.47 -8.73
N PHE A 271 14.15 -17.80 -9.77
CA PHE A 271 14.75 -16.49 -9.59
C PHE A 271 13.68 -15.44 -9.35
N SER A 272 13.91 -14.58 -8.36
CA SER A 272 12.95 -13.54 -8.03
C SER A 272 13.69 -12.36 -7.40
N THR A 273 13.15 -11.16 -7.62
CA THR A 273 13.71 -9.94 -7.06
C THR A 273 13.00 -9.46 -5.81
N ILE A 274 11.93 -10.14 -5.38
CA ILE A 274 11.24 -9.77 -4.15
C ILE A 274 11.07 -11.00 -3.26
N PHE A 275 10.81 -12.15 -3.86
CA PHE A 275 10.70 -13.39 -3.09
C PHE A 275 12.09 -13.89 -2.72
N TYR A 276 12.18 -14.51 -1.55
CA TYR A 276 13.48 -14.91 -1.01
C TYR A 276 13.96 -16.14 -1.77
N SER A 277 14.79 -15.88 -2.78
CA SER A 277 15.23 -16.84 -3.78
C SER A 277 16.74 -16.80 -3.89
N PRO A 278 17.34 -17.77 -4.58
CA PRO A 278 18.80 -17.73 -4.78
C PRO A 278 19.27 -16.62 -5.70
N PHE A 279 18.37 -15.83 -6.29
CA PHE A 279 18.80 -14.70 -7.12
C PHE A 279 19.56 -13.68 -6.29
N GLN A 280 19.00 -13.31 -5.14
CA GLN A 280 19.68 -12.35 -4.26
C GLN A 280 21.02 -12.88 -3.77
N LEU A 281 21.11 -14.19 -3.52
CA LEU A 281 22.38 -14.78 -3.12
C LEU A 281 23.43 -14.62 -4.22
N LEU A 282 23.01 -14.72 -5.48
CA LEU A 282 23.96 -14.55 -6.58
C LEU A 282 24.38 -13.09 -6.75
N VAL A 283 23.47 -12.15 -6.47
CA VAL A 283 23.82 -10.74 -6.57
C VAL A 283 24.87 -10.38 -5.52
N LEU A 284 24.72 -10.90 -4.30
CA LEU A 284 25.68 -10.59 -3.24
C LEU A 284 27.00 -11.31 -3.46
N LEU A 285 26.95 -12.61 -3.76
CA LEU A 285 28.17 -13.35 -4.07
C LEU A 285 28.84 -12.80 -5.31
N GLY A 286 28.06 -12.53 -6.36
CA GLY A 286 28.64 -11.96 -7.57
C GLY A 286 29.20 -10.57 -7.38
N SER A 287 28.66 -9.81 -6.43
CA SER A 287 29.24 -8.51 -6.11
C SER A 287 30.60 -8.66 -5.44
N ALA A 288 30.78 -9.72 -4.65
CA ALA A 288 32.07 -9.93 -4.00
C ALA A 288 33.16 -10.24 -5.00
N VAL A 289 32.86 -10.99 -6.06
CA VAL A 289 33.87 -11.32 -7.04
C VAL A 289 34.11 -10.14 -7.99
N ILE A 290 33.10 -9.30 -8.21
CA ILE A 290 33.32 -8.08 -8.99
C ILE A 290 34.23 -7.13 -8.21
N ALA A 291 33.98 -6.97 -6.92
CA ALA A 291 34.89 -6.20 -6.08
C ALA A 291 36.27 -6.82 -6.02
N ALA A 292 36.34 -8.16 -6.06
CA ALA A 292 37.64 -8.82 -6.14
C ALA A 292 38.31 -8.60 -7.48
N ALA A 293 37.52 -8.41 -8.55
CA ALA A 293 38.10 -8.08 -9.84
C ALA A 293 38.67 -6.66 -9.85
N PHE A 294 38.03 -5.74 -9.14
CA PHE A 294 38.59 -4.40 -8.97
C PHE A 294 39.89 -4.42 -8.18
N TYR A 295 40.14 -5.50 -7.43
CA TYR A 295 41.39 -5.61 -6.70
C TYR A 295 42.57 -5.84 -7.63
N GLN A 296 42.40 -6.68 -8.65
CA GLN A 296 43.47 -6.93 -9.60
C GLN A 296 43.72 -5.71 -10.49
N ILE A 297 42.65 -5.06 -10.96
CA ILE A 297 42.80 -3.91 -11.84
C ILE A 297 43.57 -2.80 -11.14
N GLU A 298 43.41 -2.67 -9.82
CA GLU A 298 44.20 -1.69 -9.09
C GLU A 298 45.59 -2.23 -8.76
N LYS A 299 45.68 -3.51 -8.42
CA LYS A 299 47.00 -4.09 -8.19
C LYS A 299 47.84 -4.10 -9.46
N TRP A 300 47.19 -4.21 -10.62
CA TRP A 300 47.90 -4.10 -11.90
C TRP A 300 48.28 -2.65 -12.19
N ASN A 301 47.37 -1.71 -11.90
CA ASN A 301 47.68 -0.30 -12.09
C ASN A 301 48.78 0.16 -11.13
N ASP A 302 48.87 -0.45 -9.95
CA ASP A 302 49.87 -0.07 -8.97
C ASP A 302 51.28 -0.36 -9.49
N VAL A 303 51.50 -1.57 -9.98
CA VAL A 303 52.81 -1.95 -10.50
C VAL A 303 53.11 -1.27 -11.83
N GLY A 304 52.08 -0.72 -12.48
CA GLY A 304 52.23 -0.08 -13.78
C GLY A 304 51.93 -0.98 -14.96
N PHE A 305 50.96 -1.89 -14.83
CA PHE A 305 50.68 -2.84 -15.90
C PHE A 305 50.04 -2.17 -17.10
N PHE A 306 49.31 -1.07 -16.90
CA PHE A 306 48.64 -0.40 -18.00
C PHE A 306 49.57 0.46 -18.83
N GLU A 307 50.74 0.82 -18.29
CA GLU A 307 51.76 1.50 -19.08
C GLU A 307 52.67 0.53 -19.82
N ARG A 308 52.95 -0.64 -19.22
CA ARG A 308 53.76 -1.64 -19.90
C ARG A 308 53.04 -2.20 -21.12
N VAL A 309 51.74 -2.49 -20.98
CA VAL A 309 50.95 -2.88 -22.15
C VAL A 309 50.79 -1.69 -23.09
N GLY A 310 50.84 -0.48 -22.56
CA GLY A 310 50.86 0.71 -23.40
C GLY A 310 49.49 1.28 -23.71
N LEU A 311 48.74 1.66 -22.69
CA LEU A 311 47.48 2.35 -22.89
C LEU A 311 47.44 3.74 -22.26
N GLY A 312 48.33 4.04 -21.32
CA GLY A 312 48.34 5.29 -20.61
C GLY A 312 47.66 5.17 -19.25
N ARG A 313 47.82 6.24 -18.45
CA ARG A 313 47.11 6.31 -17.17
C ARG A 313 45.60 6.21 -17.37
N LYS A 314 45.11 6.62 -18.54
CA LYS A 314 43.71 6.45 -18.90
C LYS A 314 43.37 4.98 -19.14
N GLY A 315 44.37 4.13 -19.36
CA GLY A 315 44.11 2.73 -19.60
C GLY A 315 43.36 2.05 -18.48
N MET A 316 43.74 2.33 -17.22
CA MET A 316 43.03 1.69 -16.10
C MET A 316 41.55 2.04 -16.10
N PRO A 317 41.13 3.31 -16.29
CA PRO A 317 39.69 3.54 -16.48
C PRO A 317 39.07 2.75 -17.64
N LEU A 318 39.79 2.65 -18.75
CA LEU A 318 39.22 2.04 -19.95
C LEU A 318 39.03 0.54 -19.77
N ALA A 319 39.96 -0.13 -19.10
CA ALA A 319 39.80 -1.56 -18.87
C ALA A 319 38.64 -1.85 -17.93
N VAL A 320 38.40 -0.96 -16.95
CA VAL A 320 37.18 -1.05 -16.16
C VAL A 320 35.96 -1.00 -17.06
N ILE A 321 35.94 -0.06 -18.01
CA ILE A 321 34.76 0.09 -18.87
C ILE A 321 34.57 -1.15 -19.73
N VAL A 322 35.65 -1.66 -20.33
CA VAL A 322 35.51 -2.82 -21.20
C VAL A 322 35.12 -4.06 -20.40
N LEU A 323 35.61 -4.19 -19.16
CA LEU A 323 35.19 -5.33 -18.36
C LEU A 323 33.80 -5.15 -17.78
N THR A 324 33.40 -3.91 -17.46
CA THR A 324 32.01 -3.68 -17.08
C THR A 324 31.06 -4.14 -18.17
N ALA A 325 31.47 -3.97 -19.43
CA ALA A 325 30.68 -4.49 -20.54
C ALA A 325 30.86 -6.00 -20.70
N LEU A 326 32.09 -6.49 -20.55
CA LEU A 326 32.36 -7.90 -20.76
C LEU A 326 31.79 -8.76 -19.63
N ILE A 327 32.16 -8.45 -18.38
CA ILE A 327 31.76 -9.30 -17.27
C ILE A 327 30.25 -9.34 -17.11
N MET A 328 29.52 -8.37 -17.65
CA MET A 328 28.08 -8.52 -17.74
C MET A 328 27.72 -9.32 -18.99
N GLY A 329 28.35 -9.02 -20.13
CA GLY A 329 28.01 -9.72 -21.36
C GLY A 329 28.25 -11.21 -21.26
N LEU A 330 29.37 -11.62 -20.66
CA LEU A 330 29.67 -13.03 -20.47
C LEU A 330 28.85 -13.65 -19.34
N PHE A 331 28.02 -12.87 -18.65
CA PHE A 331 27.08 -13.43 -17.68
C PHE A 331 25.79 -13.92 -18.34
N PHE A 332 25.83 -14.18 -19.65
CA PHE A 332 24.73 -14.82 -20.34
C PHE A 332 24.63 -16.31 -20.01
N VAL A 333 25.50 -16.82 -19.14
CA VAL A 333 25.43 -18.21 -18.71
C VAL A 333 24.09 -18.54 -18.07
N ILE A 334 23.39 -17.52 -17.58
CA ILE A 334 22.05 -17.71 -17.04
C ILE A 334 21.20 -16.50 -17.41
N SER A 335 20.48 -16.59 -18.52
CA SER A 335 19.64 -15.48 -18.95
C SER A 335 18.53 -15.12 -17.97
N PRO A 336 17.93 -16.04 -17.22
CA PRO A 336 17.02 -15.62 -16.15
C PRO A 336 17.62 -14.63 -15.17
N ASP A 337 18.94 -14.67 -14.96
CA ASP A 337 19.56 -13.68 -14.08
C ASP A 337 19.46 -12.28 -14.66
N PHE A 338 19.76 -12.13 -15.95
CA PHE A 338 19.62 -10.83 -16.61
C PHE A 338 18.18 -10.35 -16.58
N ALA A 339 17.23 -11.23 -16.92
CA ALA A 339 15.84 -10.86 -16.97
C ALA A 339 15.35 -10.28 -15.64
N ARG A 340 15.82 -10.85 -14.53
CA ARG A 340 15.43 -10.34 -13.22
C ARG A 340 16.31 -9.17 -12.78
N ASN A 341 17.59 -9.16 -13.16
CA ASN A 341 18.46 -8.05 -12.81
C ASN A 341 18.03 -6.77 -13.53
N LEU A 342 17.89 -6.84 -14.85
CA LEU A 342 17.47 -5.68 -15.63
C LEU A 342 16.03 -5.28 -15.37
N LEU A 343 15.27 -6.10 -14.65
CA LEU A 343 13.86 -5.82 -14.38
C LEU A 343 13.66 -4.57 -13.52
N SER A 344 14.73 -4.06 -12.89
CA SER A 344 14.58 -2.94 -11.96
C SER A 344 14.12 -1.67 -12.67
N VAL A 345 14.45 -1.51 -13.95
CA VAL A 345 14.05 -0.31 -14.67
C VAL A 345 12.54 -0.22 -14.81
N VAL A 346 11.83 -1.34 -14.74
CA VAL A 346 10.37 -1.32 -14.80
C VAL A 346 9.76 -0.85 -13.48
N ARG A 347 10.54 -0.84 -12.40
CA ARG A 347 9.99 -0.48 -11.09
C ARG A 347 9.58 0.99 -11.04
N VAL A 348 10.40 1.88 -11.61
CA VAL A 348 10.10 3.31 -11.58
C VAL A 348 9.22 3.74 -12.75
N VAL A 349 8.76 2.82 -13.57
CA VAL A 349 7.85 3.12 -14.66
C VAL A 349 6.56 2.35 -14.42
N GLN A 350 5.41 2.99 -14.69
CA GLN A 350 4.11 2.36 -14.46
C GLN A 350 3.10 2.85 -15.49
N PRO A 351 3.23 2.42 -16.75
CA PRO A 351 2.16 2.62 -17.72
C PRO A 351 1.00 1.64 -17.58
N LYS A 352 0.99 0.86 -16.49
CA LYS A 352 -0.05 -0.14 -16.27
C LYS A 352 -1.42 0.51 -16.18
N GLY A 353 -1.50 1.67 -15.55
CA GLY A 353 -2.78 2.34 -15.37
C GLY A 353 -3.59 1.71 -14.27
N GLY A 354 -3.84 0.39 -14.38
CA GLY A 354 -4.45 -0.33 -13.27
C GLY A 354 -3.63 -0.21 -12.00
N ALA A 355 -2.30 -0.34 -12.13
CA ALA A 355 -1.43 -0.12 -10.98
C ALA A 355 -1.45 1.34 -10.55
N LEU A 356 -1.65 2.27 -11.48
CA LEU A 356 -1.66 3.69 -11.15
C LEU A 356 -2.72 4.01 -10.10
N THR A 357 -3.86 3.30 -10.13
CA THR A 357 -4.95 3.54 -9.18
C THR A 357 -4.57 3.21 -7.73
N ILE A 358 -3.37 2.70 -7.48
CA ILE A 358 -2.89 2.51 -6.11
C ILE A 358 -2.42 3.85 -5.57
N ALA A 359 -2.74 4.11 -4.29
CA ALA A 359 -2.44 5.40 -3.70
C ALA A 359 -0.95 5.61 -3.42
N GLU A 360 -0.19 4.54 -3.29
CA GLU A 360 1.22 4.63 -2.92
C GLU A 360 2.18 4.56 -4.10
N VAL A 361 1.67 4.30 -5.31
CA VAL A 361 2.56 4.10 -6.46
C VAL A 361 2.63 5.30 -7.39
N TYR A 362 1.71 6.25 -7.28
CA TYR A 362 1.63 7.32 -8.26
C TYR A 362 2.94 8.11 -8.29
N PRO A 363 3.42 8.53 -9.46
CA PRO A 363 4.70 9.22 -9.53
C PRO A 363 4.68 10.54 -8.76
N PHE A 364 5.80 10.82 -8.10
CA PHE A 364 6.02 12.11 -7.45
C PHE A 364 6.06 13.22 -8.49
N PHE A 365 5.95 14.46 -8.01
CA PHE A 365 6.05 15.67 -8.82
C PHE A 365 4.98 15.78 -9.90
N PHE A 366 3.91 14.99 -9.81
CA PHE A 366 2.92 14.97 -10.89
C PHE A 366 1.52 14.86 -10.30
N THR A 367 0.60 15.65 -10.87
CA THR A 367 -0.81 15.59 -10.52
C THR A 367 -1.50 14.51 -11.35
N HIS A 368 -2.74 14.20 -10.96
CA HIS A 368 -3.57 13.28 -11.72
C HIS A 368 -4.06 13.86 -13.05
N ASN A 369 -3.42 14.93 -13.48
CA ASN A 369 -3.70 15.57 -14.77
C ASN A 369 -2.46 15.68 -15.64
N GLY A 370 -1.30 15.21 -15.17
CA GLY A 370 -0.10 15.16 -15.99
C GLY A 370 0.66 16.47 -16.12
N GLU A 371 0.83 17.18 -15.01
CA GLU A 371 1.59 18.41 -15.00
C GLU A 371 2.56 18.42 -13.82
N PHE A 372 3.70 19.06 -14.03
CA PHE A 372 4.72 19.12 -13.00
C PHE A 372 4.20 19.88 -11.78
N THR A 373 4.62 19.44 -10.60
CA THR A 373 4.22 20.09 -9.37
C THR A 373 5.25 19.81 -8.28
N LEU A 374 5.55 20.82 -7.48
CA LEU A 374 6.36 20.66 -6.28
C LEU A 374 5.50 20.55 -5.03
N THR A 375 4.21 20.21 -5.19
CA THR A 375 3.27 20.25 -4.07
C THR A 375 3.49 19.10 -3.11
N ASN A 376 3.78 17.90 -3.63
CA ASN A 376 4.06 16.77 -2.75
C ASN A 376 5.40 16.94 -2.04
N ALA A 377 6.32 17.70 -2.64
CA ALA A 377 7.62 17.93 -2.00
C ALA A 377 7.44 18.65 -0.66
N VAL A 378 6.47 19.57 -0.58
CA VAL A 378 6.16 20.20 0.69
C VAL A 378 5.42 19.23 1.61
N LEU A 379 4.40 18.56 1.07
CA LEU A 379 3.56 17.69 1.88
C LEU A 379 4.31 16.46 2.41
N HIS A 380 5.45 16.12 1.81
CA HIS A 380 6.20 14.94 2.22
C HIS A 380 7.51 15.24 2.90
N PHE A 381 8.14 16.38 2.61
CA PHE A 381 9.42 16.73 3.22
C PHE A 381 9.43 18.10 3.89
N GLY A 382 8.42 18.93 3.67
CA GLY A 382 8.45 20.27 4.23
C GLY A 382 9.56 21.09 3.61
N ALA A 383 10.18 21.94 4.42
CA ALA A 383 11.28 22.76 3.95
C ALA A 383 12.54 21.96 3.66
N LEU A 384 12.61 20.72 4.17
CA LEU A 384 13.81 19.91 4.01
C LEU A 384 14.10 19.58 2.55
N PHE A 385 13.07 19.58 1.68
CA PHE A 385 13.31 19.32 0.27
C PHE A 385 14.14 20.43 -0.37
N PHE A 386 13.70 21.68 -0.21
CA PHE A 386 14.43 22.79 -0.81
C PHE A 386 15.75 23.03 -0.10
N PHE A 387 15.76 22.92 1.24
CA PHE A 387 17.02 22.95 1.97
C PHE A 387 17.90 21.77 1.60
N GLY A 388 17.29 20.67 1.19
CA GLY A 388 18.03 19.52 0.72
C GLY A 388 18.64 19.73 -0.65
N MET A 389 17.97 20.46 -1.55
CA MET A 389 18.57 20.66 -2.87
C MET A 389 19.80 21.55 -2.76
N ALA A 390 19.71 22.61 -1.95
CA ALA A 390 20.84 23.50 -1.75
C ALA A 390 22.01 22.74 -1.14
N GLY A 391 21.74 21.80 -0.24
CA GLY A 391 22.81 20.98 0.29
C GLY A 391 23.37 20.01 -0.73
N ILE A 392 22.55 19.57 -1.68
CA ILE A 392 23.03 18.67 -2.73
C ILE A 392 23.88 19.44 -3.74
N LEU A 393 23.38 20.59 -4.19
CA LEU A 393 24.13 21.41 -5.14
C LEU A 393 25.45 21.87 -4.53
N TYR A 394 25.45 22.22 -3.24
CA TYR A 394 26.68 22.63 -2.59
C TYR A 394 27.64 21.47 -2.45
N SER A 395 27.13 20.27 -2.11
CA SER A 395 27.98 19.09 -2.03
C SER A 395 28.63 18.80 -3.38
N ALA A 396 27.89 18.97 -4.47
CA ALA A 396 28.49 18.82 -5.79
C ALA A 396 29.57 19.86 -6.04
N TYR A 397 29.32 21.11 -5.62
CA TYR A 397 30.33 22.15 -5.73
C TYR A 397 31.56 21.81 -4.90
N ARG A 398 31.34 21.36 -3.66
CA ARG A 398 32.45 21.03 -2.78
C ARG A 398 33.20 19.80 -3.26
N PHE A 399 32.50 18.83 -3.88
CA PHE A 399 33.16 17.63 -4.38
C PHE A 399 34.11 17.97 -5.52
N LEU A 400 33.70 18.90 -6.40
CA LEU A 400 34.56 19.32 -7.50
C LEU A 400 35.82 20.05 -7.03
N LYS A 401 35.85 20.48 -5.76
CA LYS A 401 36.99 21.18 -5.20
C LYS A 401 37.83 20.32 -4.27
N ARG A 402 37.17 19.53 -3.42
CA ARG A 402 37.84 18.65 -2.46
C ARG A 402 38.12 17.25 -2.99
N ARG A 403 37.20 16.70 -3.81
CA ARG A 403 37.38 15.39 -4.43
C ARG A 403 37.47 14.30 -3.37
N SER A 404 36.62 14.42 -2.34
CA SER A 404 36.45 13.40 -1.34
C SER A 404 35.53 12.31 -1.86
N PHE A 405 35.93 11.05 -1.65
CA PHE A 405 35.17 9.91 -2.16
C PHE A 405 33.85 9.71 -1.43
N PRO A 406 33.81 9.78 -0.09
CA PRO A 406 32.51 9.66 0.58
C PRO A 406 31.49 10.68 0.11
N GLU A 407 31.91 11.93 -0.11
CA GLU A 407 31.00 12.94 -0.64
C GLU A 407 30.49 12.55 -2.03
N MET A 408 31.33 11.88 -2.82
CA MET A 408 30.89 11.40 -4.12
C MET A 408 29.88 10.27 -3.99
N ALA A 409 30.16 9.30 -3.13
CA ALA A 409 29.27 8.16 -2.95
C ALA A 409 27.91 8.61 -2.40
N LEU A 410 27.91 9.59 -1.50
CA LEU A 410 26.65 10.11 -0.99
C LEU A 410 25.84 10.77 -2.09
N LEU A 411 26.51 11.45 -3.03
CA LEU A 411 25.80 12.06 -4.15
C LEU A 411 25.19 11.00 -5.06
N ILE A 412 25.94 9.93 -5.34
CA ILE A 412 25.41 8.83 -6.13
C ILE A 412 24.17 8.24 -5.46
N TRP A 413 24.25 8.02 -4.15
CA TRP A 413 23.09 7.58 -3.39
C TRP A 413 21.94 8.58 -3.51
N ALA A 414 22.26 9.87 -3.47
CA ALA A 414 21.22 10.88 -3.56
C ALA A 414 20.55 10.88 -4.93
N ILE A 415 21.34 10.75 -6.00
CA ILE A 415 20.73 10.86 -7.32
C ILE A 415 19.94 9.59 -7.65
N ALA A 416 20.39 8.43 -7.15
CA ALA A 416 19.67 7.18 -7.39
C ALA A 416 18.34 7.16 -6.65
N MET A 417 18.31 7.69 -5.43
CA MET A 417 17.07 7.75 -4.67
C MET A 417 16.11 8.79 -5.23
N PHE A 418 16.62 9.80 -5.93
CA PHE A 418 15.75 10.80 -6.56
C PHE A 418 15.04 10.21 -7.77
N ILE A 419 15.72 9.35 -8.53
CA ILE A 419 15.08 8.68 -9.64
C ILE A 419 13.99 7.74 -9.15
N ALA A 420 14.24 7.01 -8.08
CA ALA A 420 13.21 6.16 -7.50
C ALA A 420 12.05 6.98 -6.95
N LEU A 421 12.36 8.14 -6.37
CA LEU A 421 11.31 9.03 -5.88
C LEU A 421 10.43 9.53 -7.02
N TRP A 422 11.05 9.83 -8.17
CA TRP A 422 10.29 10.25 -9.34
C TRP A 422 9.32 9.17 -9.79
N GLY A 423 9.74 7.90 -9.71
CA GLY A 423 8.93 6.80 -10.18
C GLY A 423 7.66 6.58 -9.39
N GLN A 424 7.79 6.35 -8.09
CA GLN A 424 6.66 6.10 -7.22
C GLN A 424 6.79 6.98 -5.99
N ASN A 425 5.67 7.60 -5.58
CA ASN A 425 5.69 8.48 -4.42
C ASN A 425 5.99 7.75 -3.13
N ARG A 426 5.93 6.42 -3.12
CA ARG A 426 6.24 5.68 -1.90
C ARG A 426 7.71 5.82 -1.53
N PHE A 427 8.61 5.77 -2.53
CA PHE A 427 10.04 5.83 -2.29
C PHE A 427 10.49 7.18 -1.71
N ALA A 428 9.54 8.05 -1.37
CA ALA A 428 9.84 9.19 -0.51
C ALA A 428 10.36 8.75 0.85
N TYR A 429 10.03 7.53 1.31
CA TYR A 429 10.61 7.05 2.56
C TYR A 429 12.11 6.81 2.43
N TYR A 430 12.62 6.69 1.20
CA TYR A 430 14.05 6.63 0.93
C TYR A 430 14.67 8.02 0.82
N PHE A 431 14.00 8.94 0.13
CA PHE A 431 14.51 10.29 -0.04
C PHE A 431 14.40 11.14 1.23
N ALA A 432 13.69 10.65 2.25
CA ALA A 432 13.56 11.43 3.48
C ALA A 432 14.91 11.61 4.16
N ALA A 433 15.67 10.51 4.29
CA ALA A 433 17.02 10.62 4.83
C ALA A 433 17.95 11.41 3.92
N VAL A 434 17.59 11.57 2.65
CA VAL A 434 18.43 12.35 1.74
C VAL A 434 18.31 13.84 2.05
N SER A 435 17.08 14.36 2.15
CA SER A 435 16.93 15.78 2.44
C SER A 435 17.38 16.12 3.86
N ALA A 436 17.24 15.18 4.79
CA ALA A 436 17.68 15.43 6.16
C ALA A 436 19.20 15.52 6.23
N VAL A 437 19.90 14.68 5.47
CA VAL A 437 21.36 14.72 5.47
C VAL A 437 21.87 15.97 4.77
N TYR A 438 21.28 16.31 3.62
CA TYR A 438 21.81 17.43 2.84
C TYR A 438 21.31 18.77 3.34
N SER A 439 20.14 18.82 3.98
CA SER A 439 19.75 20.07 4.65
C SER A 439 20.64 20.31 5.86
N ALA A 440 21.03 19.25 6.56
CA ALA A 440 22.00 19.38 7.64
C ALA A 440 23.31 19.95 7.12
N LEU A 441 23.72 19.54 5.92
CA LEU A 441 24.90 20.14 5.30
C LEU A 441 24.66 21.61 5.00
N ALA A 442 23.46 21.96 4.57
CA ALA A 442 23.15 23.36 4.28
C ALA A 442 23.15 24.19 5.56
N LEU A 443 22.40 23.74 6.57
CA LEU A 443 22.30 24.52 7.82
C LEU A 443 23.64 24.61 8.53
N SER A 444 24.51 23.60 8.37
CA SER A 444 25.82 23.64 9.02
C SER A 444 26.71 24.68 8.36
N VAL A 445 26.64 24.80 7.03
CA VAL A 445 27.39 25.84 6.33
C VAL A 445 26.98 27.22 6.83
N VAL A 446 25.68 27.46 6.95
CA VAL A 446 25.23 28.80 7.33
C VAL A 446 25.46 29.06 8.81
N PHE A 447 25.35 28.03 9.65
CA PHE A 447 25.55 28.26 11.09
C PHE A 447 26.99 28.63 11.40
N ASP A 448 27.95 28.21 10.59
CA ASP A 448 29.34 28.60 10.79
C ASP A 448 29.60 29.99 10.20
N LYS A 449 29.08 30.26 9.00
CA LYS A 449 29.30 31.55 8.37
C LYS A 449 28.51 32.68 9.02
N LEU A 450 27.51 32.36 9.85
CA LEU A 450 26.72 33.36 10.54
C LEU A 450 26.99 33.40 12.03
N HIS A 451 28.11 32.80 12.46
CA HIS A 451 28.65 32.93 13.82
C HIS A 451 27.74 32.35 14.89
N LEU A 452 26.79 31.49 14.51
CA LEU A 452 25.97 30.82 15.52
C LEU A 452 26.76 29.74 16.24
N TYR A 453 27.68 29.07 15.54
CA TYR A 453 28.56 28.11 16.20
C TYR A 453 29.48 28.80 17.19
N ARG A 454 29.78 30.08 16.96
CA ARG A 454 30.57 30.84 17.92
C ARG A 454 29.72 31.31 19.09
N ALA A 455 28.52 31.84 18.81
CA ALA A 455 27.66 32.31 19.87
C ALA A 455 27.24 31.18 20.80
N LEU A 456 27.09 29.97 20.26
CA LEU A 456 26.77 28.82 21.10
C LEU A 456 27.89 28.57 22.11
N GLU A 457 29.14 28.60 21.65
CA GLU A 457 30.25 28.41 22.57
C GLU A 457 30.57 29.69 23.34
N ASN A 458 30.25 30.86 22.79
CA ASN A 458 30.29 32.08 23.59
C ASN A 458 29.24 32.09 24.69
N ALA A 459 28.14 31.36 24.51
CA ALA A 459 27.15 31.22 25.56
C ALA A 459 27.72 30.57 26.81
N ILE A 460 28.75 29.73 26.67
CA ILE A 460 29.40 29.12 27.83
C ILE A 460 30.82 28.66 27.47
N GLY A 461 31.81 29.34 28.03
CA GLY A 461 33.18 28.88 27.97
C GLY A 461 33.94 29.11 26.69
N ALA A 462 33.84 30.30 26.11
CA ALA A 462 34.62 30.63 24.92
C ALA A 462 34.53 32.13 24.65
N ARG A 463 35.44 32.61 23.81
CA ARG A 463 35.45 33.98 23.31
C ARG A 463 35.51 33.96 21.80
N ASN A 464 34.60 34.69 21.15
CA ASN A 464 34.59 34.78 19.69
C ASN A 464 34.09 36.14 19.26
N LYS A 465 34.44 36.52 18.03
CA LYS A 465 33.92 37.75 17.41
C LYS A 465 32.60 37.39 16.76
N LEU A 466 31.51 37.81 17.40
CA LEU A 466 30.18 37.28 17.10
C LEU A 466 29.29 38.42 16.66
N SER A 467 28.71 38.29 15.47
CA SER A 467 27.84 39.32 14.91
C SER A 467 26.40 38.90 15.15
N TYR A 468 25.76 39.54 16.13
CA TYR A 468 24.38 39.19 16.46
C TYR A 468 23.43 39.38 15.29
N PHE A 469 23.78 40.26 14.35
CA PHE A 469 23.00 40.38 13.12
C PHE A 469 23.06 39.09 12.32
N ARG A 470 24.25 38.50 12.19
CA ARG A 470 24.36 37.21 11.49
C ARG A 470 23.75 36.09 12.30
N VAL A 471 23.89 36.14 13.64
CA VAL A 471 23.30 35.13 14.49
C VAL A 471 21.78 35.17 14.39
N ALA A 472 21.20 36.37 14.40
CA ALA A 472 19.76 36.51 14.29
C ALA A 472 19.23 35.94 12.98
N PHE A 473 20.00 36.02 11.91
CA PHE A 473 19.58 35.45 10.63
C PHE A 473 19.80 33.94 10.59
N ALA A 474 20.88 33.47 11.22
CA ALA A 474 21.08 32.03 11.35
C ALA A 474 19.94 31.40 12.14
N LEU A 475 19.44 32.11 13.16
CA LEU A 475 18.25 31.66 13.86
C LEU A 475 17.02 31.76 12.97
N LEU A 476 16.98 32.75 12.08
CA LEU A 476 15.78 32.99 11.28
C LEU A 476 15.62 31.97 10.17
N ILE A 477 16.72 31.47 9.60
CA ILE A 477 16.60 30.43 8.60
C ILE A 477 16.53 29.04 9.23
N ALA A 478 17.01 28.88 10.46
CA ALA A 478 16.70 27.67 11.21
C ALA A 478 15.20 27.54 11.41
N LEU A 479 14.54 28.66 11.75
CA LEU A 479 13.08 28.75 11.68
C LEU A 479 12.57 28.12 10.41
N ALA A 480 12.97 28.68 9.26
CA ALA A 480 12.39 28.30 7.98
C ALA A 480 12.64 26.84 7.64
N ALA A 481 13.70 26.26 8.17
CA ALA A 481 13.99 24.86 7.89
C ALA A 481 13.22 23.92 8.80
N ILE A 482 12.99 24.30 10.05
CA ILE A 482 12.48 23.40 11.07
C ILE A 482 11.00 23.63 11.35
N TYR A 483 10.57 24.91 11.41
CA TYR A 483 9.21 25.18 11.86
C TYR A 483 8.16 24.66 10.89
N PRO A 484 8.16 25.01 9.59
CA PRO A 484 7.15 24.46 8.70
C PRO A 484 7.26 22.96 8.51
N THR A 485 8.44 22.39 8.73
CA THR A 485 8.58 20.93 8.65
C THR A 485 7.88 20.25 9.82
N TYR A 486 8.07 20.77 11.03
CA TYR A 486 7.43 20.17 12.20
C TYR A 486 5.92 20.39 12.18
N ILE A 487 5.46 21.49 11.56
CA ILE A 487 4.03 21.77 11.51
C ILE A 487 3.30 20.67 10.75
N LEU A 488 3.85 20.27 9.59
CA LEU A 488 3.24 19.18 8.82
C LEU A 488 3.38 17.85 9.54
N ALA A 489 4.49 17.63 10.24
CA ALA A 489 4.68 16.38 10.96
C ALA A 489 3.74 16.29 12.15
N ASP A 490 3.46 17.41 12.82
CA ASP A 490 2.54 17.40 13.94
C ASP A 490 1.11 17.10 13.48
N ALA A 491 0.74 17.64 12.32
CA ALA A 491 -0.62 17.40 11.81
C ALA A 491 -0.77 15.99 11.29
N GLN A 492 0.21 15.52 10.50
CA GLN A 492 0.10 14.22 9.85
C GLN A 492 0.16 13.06 10.85
N SER A 493 0.72 13.28 12.04
CA SER A 493 0.87 12.20 13.01
C SER A 493 -0.29 12.13 14.00
N SER A 494 -1.29 13.00 13.87
CA SER A 494 -2.41 12.99 14.81
C SER A 494 -3.46 11.96 14.47
N TYR A 495 -3.39 11.32 13.31
CA TYR A 495 -4.34 10.29 12.92
C TYR A 495 -3.60 9.08 12.36
N ALA A 496 -4.20 7.90 12.53
CA ALA A 496 -3.66 6.66 12.01
C ALA A 496 -4.73 5.96 11.18
N GLY A 497 -4.30 5.29 10.11
CA GLY A 497 -5.21 4.62 9.21
C GLY A 497 -5.64 3.27 9.72
N GLY A 498 -6.22 2.49 8.82
CA GLY A 498 -6.72 1.18 9.15
C GLY A 498 -8.22 1.07 8.94
N PRO A 499 -8.79 -0.10 9.25
CA PRO A 499 -10.23 -0.30 9.02
C PRO A 499 -11.07 0.51 10.00
N ASN A 500 -12.23 0.95 9.51
CA ASN A 500 -13.20 1.61 10.38
C ASN A 500 -14.00 0.56 11.14
N LYS A 501 -14.83 1.04 12.08
CA LYS A 501 -15.60 0.12 12.92
C LYS A 501 -16.57 -0.72 12.08
N GLN A 502 -17.14 -0.12 11.03
CA GLN A 502 -18.08 -0.86 10.19
C GLN A 502 -17.38 -2.02 9.48
N TRP A 503 -16.14 -1.82 9.04
CA TRP A 503 -15.39 -2.90 8.42
C TRP A 503 -14.97 -3.94 9.45
N TYR A 504 -14.48 -3.48 10.61
CA TYR A 504 -14.05 -4.42 11.64
C TYR A 504 -15.22 -5.22 12.19
N ASP A 505 -16.34 -4.56 12.47
CA ASP A 505 -17.51 -5.26 12.99
C ASP A 505 -18.05 -6.27 11.99
N ALA A 506 -18.08 -5.90 10.71
CA ALA A 506 -18.58 -6.82 9.69
C ALA A 506 -17.69 -8.04 9.55
N LEU A 507 -16.37 -7.85 9.67
CA LEU A 507 -15.45 -8.97 9.47
C LEU A 507 -15.45 -9.91 10.67
N THR A 508 -15.49 -9.37 11.88
CA THR A 508 -15.60 -10.21 13.07
C THR A 508 -16.90 -10.99 13.06
N TRP A 509 -17.99 -10.37 12.58
CA TRP A 509 -19.25 -11.09 12.42
C TRP A 509 -19.10 -12.25 11.43
N MET A 510 -18.40 -12.00 10.31
CA MET A 510 -18.16 -13.05 9.33
C MET A 510 -17.41 -14.23 9.94
N ARG A 511 -16.42 -13.95 10.79
CA ARG A 511 -15.62 -15.02 11.38
C ARG A 511 -16.47 -15.92 12.28
N GLU A 512 -17.52 -15.37 12.88
CA GLU A 512 -18.30 -16.06 13.90
C GLU A 512 -19.69 -16.45 13.41
N ASN A 513 -20.05 -16.14 12.16
CA ASN A 513 -21.37 -16.48 11.64
C ASN A 513 -21.33 -17.16 10.28
N THR A 514 -20.16 -17.52 9.77
CA THR A 514 -20.06 -18.31 8.55
C THR A 514 -19.50 -19.69 8.87
N PRO A 515 -19.82 -20.72 8.08
CA PRO A 515 -19.48 -22.09 8.47
C PRO A 515 -17.98 -22.34 8.53
N ASP A 516 -17.63 -23.36 9.33
CA ASP A 516 -16.27 -23.89 9.45
C ASP A 516 -15.30 -22.91 10.10
N GLY A 517 -15.82 -22.02 10.95
CA GLY A 517 -14.96 -21.03 11.57
C GLY A 517 -13.87 -21.63 12.44
N GLU A 518 -14.11 -22.81 13.00
CA GLU A 518 -13.12 -23.47 13.83
C GLU A 518 -12.07 -24.20 12.99
N LYS A 519 -12.46 -24.69 11.81
CA LYS A 519 -11.47 -25.27 10.91
C LYS A 519 -10.56 -24.21 10.33
N TYR A 520 -11.13 -23.06 9.95
CA TYR A 520 -10.32 -21.96 9.46
C TYR A 520 -9.35 -21.47 10.53
N ASP A 521 -9.80 -21.46 11.79
CA ASP A 521 -8.94 -21.02 12.88
C ASP A 521 -7.75 -21.97 13.06
N GLU A 522 -7.98 -23.28 12.91
CA GLU A 522 -6.88 -24.22 13.03
C GLU A 522 -5.96 -24.15 11.83
N TYR A 523 -6.53 -24.12 10.62
CA TYR A 523 -5.71 -24.02 9.41
C TYR A 523 -4.95 -22.70 9.34
N TYR A 524 -5.42 -21.67 10.06
CA TYR A 524 -4.75 -20.38 10.09
C TYR A 524 -3.36 -20.44 10.72
N LEU A 525 -3.10 -21.44 11.56
CA LEU A 525 -1.85 -21.54 12.28
C LEU A 525 -0.98 -22.70 11.80
N GLN A 526 -1.38 -23.36 10.71
CA GLN A 526 -0.61 -24.50 10.22
C GLN A 526 0.62 -24.02 9.45
N LEU A 527 1.70 -24.80 9.55
CA LEU A 527 2.94 -24.49 8.83
C LEU A 527 2.83 -25.09 7.43
N TYR A 528 2.32 -24.28 6.51
CA TYR A 528 2.06 -24.77 5.16
C TYR A 528 3.37 -25.12 4.46
N PRO A 529 3.39 -26.19 3.67
CA PRO A 529 4.59 -26.50 2.89
C PRO A 529 4.71 -25.55 1.70
N THR A 530 5.96 -25.30 1.30
CA THR A 530 6.24 -24.44 0.16
C THR A 530 6.14 -25.24 -1.13
N PRO A 531 5.13 -24.98 -1.96
CA PRO A 531 4.96 -25.75 -3.19
C PRO A 531 5.87 -25.23 -4.30
N GLN A 532 6.07 -26.10 -5.29
CA GLN A 532 6.88 -25.76 -6.45
C GLN A 532 6.14 -24.87 -7.43
N SER A 533 4.81 -24.85 -7.37
CA SER A 533 4.01 -24.02 -8.26
C SER A 533 2.66 -23.76 -7.61
N ASN A 534 2.01 -22.67 -8.05
CA ASN A 534 0.66 -22.34 -7.59
C ASN A 534 -0.27 -22.04 -8.75
N LYS A 535 0.05 -22.53 -9.95
CA LYS A 535 -0.82 -22.30 -11.11
C LYS A 535 -2.10 -23.12 -11.05
N GLU A 536 -2.09 -24.23 -10.34
CA GLU A 536 -3.29 -25.03 -10.10
C GLU A 536 -3.93 -24.62 -8.77
N PRO A 537 -5.22 -24.87 -8.60
CA PRO A 537 -5.84 -24.60 -7.30
C PRO A 537 -5.19 -25.42 -6.20
N PHE A 538 -5.04 -24.80 -5.03
CA PHE A 538 -4.39 -25.47 -3.92
C PHE A 538 -5.25 -26.62 -3.41
N SER A 539 -4.60 -27.69 -2.96
CA SER A 539 -5.29 -28.85 -2.40
C SER A 539 -5.49 -28.63 -0.91
N TYR A 540 -6.67 -28.14 -0.54
CA TYR A 540 -6.95 -27.82 0.85
C TYR A 540 -7.34 -29.08 1.63
N PRO A 541 -6.97 -29.17 2.91
CA PRO A 541 -7.27 -30.37 3.69
C PRO A 541 -8.75 -30.52 4.05
N PHE A 542 -9.56 -29.48 3.84
CA PHE A 542 -10.99 -29.55 4.09
C PHE A 542 -11.71 -28.73 3.04
N GLU A 543 -13.04 -28.87 3.00
CA GLU A 543 -13.85 -28.14 2.02
C GLU A 543 -13.86 -26.67 2.38
N THR A 544 -13.16 -25.86 1.58
CA THR A 544 -13.05 -24.43 1.82
C THR A 544 -14.00 -23.66 0.90
N TYR A 545 -14.05 -22.35 1.10
CA TYR A 545 -14.76 -21.47 0.19
C TYR A 545 -14.01 -20.15 0.14
N GLY A 546 -14.38 -19.31 -0.82
CA GLY A 546 -13.72 -18.04 -1.06
C GLY A 546 -14.61 -16.87 -0.68
N VAL A 547 -13.97 -15.77 -0.31
CA VAL A 547 -14.64 -14.50 -0.04
C VAL A 547 -14.11 -13.48 -1.04
N ILE A 548 -14.97 -12.98 -1.92
CA ILE A 548 -14.56 -12.06 -2.96
C ILE A 548 -14.89 -10.64 -2.54
N SER A 549 -13.96 -9.73 -2.82
CA SER A 549 -14.10 -8.31 -2.53
C SER A 549 -13.03 -7.60 -3.35
N TRP A 550 -12.98 -6.28 -3.23
CA TRP A 550 -11.90 -5.56 -3.88
C TRP A 550 -10.58 -5.89 -3.17
N TRP A 551 -9.48 -5.84 -3.94
CA TRP A 551 -8.21 -6.34 -3.42
C TRP A 551 -7.73 -5.57 -2.20
N ASP A 552 -8.22 -4.35 -1.99
CA ASP A 552 -7.79 -3.55 -0.85
C ASP A 552 -8.00 -4.28 0.47
N TYR A 553 -9.06 -5.07 0.58
CA TYR A 553 -9.53 -5.60 1.85
C TYR A 553 -9.12 -7.06 2.08
N GLY A 554 -8.18 -7.58 1.28
CA GLY A 554 -7.80 -8.97 1.43
C GLY A 554 -7.12 -9.27 2.75
N HIS A 555 -6.20 -8.41 3.18
CA HIS A 555 -5.50 -8.65 4.44
C HIS A 555 -6.44 -8.50 5.64
N TRP A 556 -7.36 -7.53 5.57
CA TRP A 556 -8.38 -7.41 6.61
C TRP A 556 -9.22 -8.68 6.69
N ILE A 557 -9.58 -9.25 5.55
CA ILE A 557 -10.41 -10.45 5.53
C ILE A 557 -9.68 -11.61 6.17
N GLU A 558 -8.40 -11.79 5.85
CA GLU A 558 -7.66 -12.94 6.35
C GLU A 558 -7.35 -12.81 7.84
N ALA A 559 -6.95 -11.62 8.28
CA ALA A 559 -6.48 -11.44 9.66
C ALA A 559 -7.61 -11.22 10.65
N VAL A 560 -8.72 -10.62 10.22
CA VAL A 560 -9.83 -10.30 11.13
C VAL A 560 -10.96 -11.31 11.01
N ALA A 561 -11.37 -11.65 9.78
CA ALA A 561 -12.43 -12.62 9.57
C ALA A 561 -11.93 -14.06 9.52
N HIS A 562 -10.62 -14.27 9.36
CA HIS A 562 -10.05 -15.62 9.23
C HIS A 562 -10.74 -16.39 8.12
N ARG A 563 -10.93 -15.71 6.98
CA ARG A 563 -11.50 -16.32 5.80
C ARG A 563 -10.57 -16.08 4.61
N MET A 564 -10.72 -16.90 3.58
CA MET A 564 -9.77 -16.91 2.47
C MET A 564 -10.21 -15.92 1.39
N PRO A 565 -9.49 -14.83 1.18
CA PRO A 565 -9.91 -13.85 0.17
C PRO A 565 -9.45 -14.21 -1.22
N ILE A 566 -10.23 -13.76 -2.21
CA ILE A 566 -9.88 -13.98 -3.60
C ILE A 566 -8.76 -13.03 -4.03
N ALA A 567 -8.83 -11.78 -3.59
CA ALA A 567 -7.86 -10.75 -3.96
C ALA A 567 -7.24 -10.15 -2.70
N ASN A 568 -6.02 -9.65 -2.83
CA ASN A 568 -5.29 -9.15 -1.66
C ASN A 568 -4.47 -7.90 -2.00
N PRO A 569 -3.98 -7.17 -0.99
CA PRO A 569 -3.14 -5.98 -1.26
C PRO A 569 -1.79 -6.29 -1.90
N PHE A 570 -1.53 -7.54 -2.29
CA PHE A 570 -0.41 -7.85 -3.17
C PHE A 570 -0.77 -7.69 -4.65
N GLN A 571 -1.93 -7.08 -4.92
CA GLN A 571 -2.55 -6.95 -6.24
C GLN A 571 -2.68 -8.28 -6.97
N ALA A 572 -2.84 -9.34 -6.18
CA ALA A 572 -3.17 -10.65 -6.70
C ALA A 572 -4.69 -10.84 -6.72
N GLY A 573 -5.12 -11.72 -7.63
CA GLY A 573 -6.52 -12.09 -7.72
C GLY A 573 -7.42 -10.98 -8.23
N ILE A 574 -6.89 -10.03 -9.00
CA ILE A 574 -7.71 -8.96 -9.55
C ILE A 574 -8.45 -9.44 -10.79
N GLY A 575 -7.77 -10.14 -11.69
CA GLY A 575 -8.36 -10.60 -12.92
C GLY A 575 -8.70 -9.42 -13.83
N ASN A 576 -9.35 -9.76 -14.94
CA ASN A 576 -9.77 -8.74 -15.89
C ASN A 576 -10.86 -9.31 -16.78
N LYS A 577 -11.52 -8.43 -17.53
CA LYS A 577 -12.55 -8.85 -18.46
C LYS A 577 -12.01 -9.08 -19.87
N TYR A 578 -11.06 -8.25 -20.31
CA TYR A 578 -10.56 -8.35 -21.68
C TYR A 578 -9.90 -9.71 -21.97
N ASN A 579 -9.43 -10.41 -20.94
CA ASN A 579 -8.87 -11.74 -21.09
C ASN A 579 -9.71 -12.82 -20.41
N ASN A 580 -10.88 -12.46 -19.88
CA ASN A 580 -11.76 -13.39 -19.17
C ASN A 580 -11.02 -14.08 -18.03
N VAL A 581 -10.16 -13.33 -17.35
CA VAL A 581 -9.43 -13.83 -16.19
C VAL A 581 -10.31 -13.61 -14.96
N PRO A 582 -10.83 -14.66 -14.33
CA PRO A 582 -11.74 -14.47 -13.19
C PRO A 582 -11.02 -13.84 -12.01
N GLY A 583 -11.62 -12.79 -11.47
CA GLY A 583 -11.03 -12.10 -10.35
C GLY A 583 -12.00 -11.12 -9.75
N ALA A 584 -11.47 -10.20 -8.94
CA ALA A 584 -12.33 -9.22 -8.29
C ALA A 584 -12.92 -8.24 -9.30
N SER A 585 -12.09 -7.74 -10.21
CA SER A 585 -12.56 -6.72 -11.16
C SER A 585 -13.59 -7.29 -12.12
N SER A 586 -13.30 -8.46 -12.70
CA SER A 586 -14.25 -9.05 -13.65
C SER A 586 -15.52 -9.55 -12.99
N PHE A 587 -15.52 -9.68 -11.66
CA PHE A 587 -16.75 -10.04 -10.96
C PHE A 587 -17.62 -8.83 -10.69
N PHE A 588 -17.04 -7.78 -10.09
CA PHE A 588 -17.80 -6.62 -9.67
C PHE A 588 -18.15 -5.69 -10.83
N THR A 589 -17.51 -5.85 -11.99
CA THR A 589 -17.89 -5.12 -13.19
C THR A 589 -18.61 -6.01 -14.20
N ALA A 590 -19.08 -7.18 -13.75
CA ALA A 590 -19.82 -8.07 -14.64
C ALA A 590 -21.17 -7.46 -15.00
N GLU A 591 -21.47 -7.42 -16.29
CA GLU A 591 -22.66 -6.73 -16.78
C GLU A 591 -23.91 -7.59 -16.77
N ASN A 592 -23.79 -8.89 -16.49
CA ASN A 592 -24.95 -9.74 -16.25
C ASN A 592 -24.55 -10.81 -15.22
N GLU A 593 -25.56 -11.36 -14.54
CA GLU A 593 -25.29 -12.33 -13.49
C GLU A 593 -24.70 -13.63 -14.03
N SER A 594 -24.94 -13.95 -15.31
CA SER A 594 -24.37 -15.17 -15.88
C SER A 594 -22.85 -15.08 -15.97
N TYR A 595 -22.31 -13.89 -16.25
CA TYR A 595 -20.86 -13.74 -16.31
C TYR A 595 -20.25 -13.74 -14.92
N ALA A 596 -20.92 -13.09 -13.96
CA ALA A 596 -20.42 -13.09 -12.58
C ALA A 596 -20.41 -14.48 -11.99
N GLU A 597 -21.37 -15.32 -12.39
CA GLU A 597 -21.38 -16.71 -11.93
C GLU A 597 -20.21 -17.49 -12.54
N PHE A 598 -19.83 -17.16 -13.77
CA PHE A 598 -18.63 -17.76 -14.35
C PHE A 598 -17.39 -17.43 -13.50
N VAL A 599 -17.23 -16.16 -13.15
CA VAL A 599 -16.10 -15.75 -12.32
C VAL A 599 -16.21 -16.38 -10.93
N ALA A 600 -17.41 -16.36 -10.35
CA ALA A 600 -17.59 -16.86 -8.99
C ALA A 600 -17.38 -18.37 -8.91
N GLU A 601 -17.89 -19.10 -9.91
CA GLU A 601 -17.74 -20.56 -9.89
C GLU A 601 -16.28 -20.97 -10.06
N LYS A 602 -15.55 -20.28 -10.95
CA LYS A 602 -14.14 -20.61 -11.15
C LYS A 602 -13.33 -20.40 -9.88
N LEU A 603 -13.69 -19.41 -9.07
CA LEU A 603 -12.96 -19.08 -7.85
C LEU A 603 -13.61 -19.65 -6.61
N ASN A 604 -14.64 -20.50 -6.76
CA ASN A 604 -15.30 -21.15 -5.63
C ASN A 604 -15.79 -20.14 -4.61
N VAL A 605 -16.41 -19.06 -5.09
CA VAL A 605 -16.85 -17.97 -4.22
C VAL A 605 -18.15 -18.37 -3.53
N LYS A 606 -18.17 -18.24 -2.20
CA LYS A 606 -19.37 -18.45 -1.41
C LYS A 606 -19.87 -17.17 -0.73
N TYR A 607 -19.03 -16.16 -0.62
CA TYR A 607 -19.41 -14.95 0.09
C TYR A 607 -18.84 -13.73 -0.63
N VAL A 608 -19.60 -12.64 -0.58
CA VAL A 608 -19.24 -11.38 -1.22
C VAL A 608 -19.26 -10.28 -0.17
N VAL A 609 -18.20 -9.49 -0.10
CA VAL A 609 -18.14 -8.34 0.79
C VAL A 609 -17.97 -7.11 -0.08
N SER A 610 -18.89 -6.15 0.06
CA SER A 610 -18.87 -4.92 -0.71
C SER A 610 -19.09 -3.75 0.24
N ASP A 611 -18.31 -2.68 0.07
CA ASP A 611 -18.47 -1.49 0.87
C ASP A 611 -18.82 -0.30 -0.02
N ILE A 612 -19.22 0.80 0.63
CA ILE A 612 -19.66 1.99 -0.11
C ILE A 612 -18.52 2.59 -0.91
N GLU A 613 -17.27 2.33 -0.52
CA GLU A 613 -16.13 2.79 -1.31
C GLU A 613 -16.11 2.12 -2.67
N MET A 614 -16.29 0.80 -2.70
CA MET A 614 -16.36 0.08 -3.97
C MET A 614 -17.54 0.54 -4.81
N GLU A 615 -18.59 1.04 -4.15
CA GLU A 615 -19.77 1.49 -4.87
C GLU A 615 -19.56 2.83 -5.55
N THR A 616 -18.80 3.74 -4.92
CA THR A 616 -18.66 5.10 -5.44
C THR A 616 -17.25 5.39 -5.95
N CYS A 617 -16.39 5.94 -5.08
CA CYS A 617 -15.12 6.50 -5.55
C CYS A 617 -14.10 5.44 -5.94
N LYS A 618 -14.26 4.18 -5.51
CA LYS A 618 -13.32 3.14 -5.89
C LYS A 618 -13.79 2.30 -7.07
N TYR A 619 -15.01 2.51 -7.56
CA TYR A 619 -15.49 1.73 -8.69
C TYR A 619 -14.70 2.03 -9.95
N TYR A 620 -14.21 3.28 -10.10
CA TYR A 620 -13.43 3.64 -11.27
C TYR A 620 -12.20 2.75 -11.42
N ALA A 621 -11.50 2.51 -10.31
CA ALA A 621 -10.35 1.62 -10.36
C ALA A 621 -10.74 0.22 -10.80
N MET A 622 -11.93 -0.25 -10.41
CA MET A 622 -12.27 -1.63 -10.74
C MET A 622 -12.58 -1.74 -12.23
N ALA A 623 -13.19 -0.70 -12.81
CA ALA A 623 -13.39 -0.66 -14.27
C ALA A 623 -12.07 -0.51 -15.00
N VAL A 624 -11.08 0.17 -14.41
CA VAL A 624 -9.78 0.31 -15.05
C VAL A 624 -9.08 -1.05 -15.10
N TRP A 625 -9.10 -1.79 -14.00
CA TRP A 625 -8.45 -3.11 -13.97
C TRP A 625 -9.14 -4.08 -14.92
N ALA A 626 -10.48 -4.11 -14.88
CA ALA A 626 -11.22 -5.08 -15.70
C ALA A 626 -11.05 -4.78 -17.19
N GLU A 627 -11.06 -3.51 -17.57
CA GLU A 627 -10.96 -3.14 -18.98
C GLU A 627 -9.53 -2.93 -19.44
N GLY A 628 -8.60 -2.69 -18.53
CA GLY A 628 -7.21 -2.44 -18.92
C GLY A 628 -6.91 -1.03 -19.38
N ASP A 629 -7.76 -0.48 -20.24
CA ASP A 629 -7.56 0.85 -20.79
C ASP A 629 -8.34 1.86 -19.95
N LEU A 630 -7.67 2.97 -19.60
CA LEU A 630 -8.32 3.97 -18.75
C LEU A 630 -9.37 4.78 -19.50
N PRO A 631 -9.11 5.31 -20.71
CA PRO A 631 -10.19 5.98 -21.44
C PRO A 631 -11.34 5.03 -21.75
N LEU A 632 -11.05 3.74 -21.93
CA LEU A 632 -12.09 2.74 -22.04
C LEU A 632 -12.85 2.54 -20.72
N ALA A 633 -12.50 3.27 -19.66
CA ALA A 633 -13.20 3.10 -18.40
C ALA A 633 -14.23 4.18 -18.13
N GLU A 634 -14.12 5.34 -18.77
CA GLU A 634 -15.15 6.34 -18.52
C GLU A 634 -16.47 5.98 -19.19
N LYS A 635 -16.52 4.90 -19.96
CA LYS A 635 -17.80 4.42 -20.49
C LYS A 635 -18.79 4.16 -19.36
N TYR A 636 -18.29 3.92 -18.15
CA TYR A 636 -19.12 3.71 -16.97
C TYR A 636 -19.56 5.03 -16.30
N TYR A 637 -19.33 6.17 -16.94
CA TYR A 637 -19.61 7.46 -16.30
C TYR A 637 -20.27 8.41 -17.28
N GLY A 638 -20.94 9.43 -16.74
CA GLY A 638 -21.65 10.41 -17.52
C GLY A 638 -21.31 11.85 -17.16
N GLY A 639 -22.31 12.60 -16.70
CA GLY A 639 -22.14 14.02 -16.43
C GLY A 639 -22.18 14.40 -14.97
N TYR A 640 -22.75 15.56 -14.67
CA TYR A 640 -22.74 16.11 -13.32
C TYR A 640 -24.09 16.70 -12.97
N PHE A 641 -24.35 16.81 -11.67
CA PHE A 641 -25.47 17.58 -11.15
C PHE A 641 -25.05 19.03 -10.93
N TYR A 642 -26.02 19.93 -10.99
CA TYR A 642 -25.73 21.34 -10.76
C TYR A 642 -26.90 22.02 -10.08
N TYR A 643 -26.58 22.98 -9.21
CA TYR A 643 -27.57 23.81 -8.53
C TYR A 643 -27.60 25.15 -9.26
N SER A 644 -28.62 25.35 -10.09
CA SER A 644 -28.69 26.51 -10.95
C SER A 644 -29.19 27.74 -10.19
N PRO A 645 -28.92 28.94 -10.70
CA PRO A 645 -29.42 30.16 -10.03
C PRO A 645 -30.93 30.19 -9.86
N THR A 646 -31.68 29.38 -10.62
CA THR A 646 -33.13 29.33 -10.48
C THR A 646 -33.58 28.61 -9.22
N GLY A 647 -32.66 28.16 -8.37
CA GLY A 647 -33.02 27.41 -7.18
C GLY A 647 -33.39 25.97 -7.42
N THR A 648 -33.10 25.43 -8.60
CA THR A 648 -33.44 24.06 -8.95
C THR A 648 -32.17 23.29 -9.30
N PHE A 649 -32.30 21.97 -9.30
CA PHE A 649 -31.19 21.06 -9.56
C PHE A 649 -31.36 20.45 -10.94
N GLY A 650 -30.31 20.54 -11.76
CA GLY A 650 -30.30 19.97 -13.09
C GLY A 650 -29.18 18.97 -13.26
N TYR A 651 -29.10 18.43 -14.48
CA TYR A 651 -28.10 17.45 -14.84
C TYR A 651 -27.70 17.68 -16.30
N ALA A 652 -26.40 17.58 -16.57
CA ALA A 652 -25.88 17.82 -17.90
C ALA A 652 -24.87 16.75 -18.27
N ASN A 653 -24.86 16.36 -19.55
CA ASN A 653 -23.90 15.36 -20.01
C ASN A 653 -22.49 15.94 -20.08
N SER A 654 -22.36 17.11 -20.70
CA SER A 654 -21.08 17.80 -20.79
C SER A 654 -21.08 19.03 -19.90
N GLN A 655 -19.88 19.48 -19.56
CA GLN A 655 -19.73 20.65 -18.70
C GLN A 655 -20.21 21.93 -19.38
N TRP A 656 -20.30 21.94 -20.71
CA TRP A 656 -20.75 23.13 -21.43
C TRP A 656 -22.27 23.29 -21.35
N ASP A 657 -23.00 22.20 -21.14
CA ASP A 657 -24.45 22.27 -20.99
C ASP A 657 -24.87 22.81 -19.62
N ILE A 658 -23.93 22.99 -18.70
CA ILE A 658 -24.26 23.47 -17.35
C ILE A 658 -24.41 24.99 -17.40
N PRO A 659 -25.50 25.54 -16.87
CA PRO A 659 -25.73 26.98 -17.00
C PRO A 659 -24.72 27.79 -16.20
N LEU A 660 -24.61 29.07 -16.57
CA LEU A 660 -23.72 29.97 -15.87
C LEU A 660 -24.25 30.28 -14.49
N ASN A 661 -23.32 30.60 -13.58
CA ASN A 661 -23.60 30.86 -12.16
C ASN A 661 -24.20 29.65 -11.46
N SER A 662 -24.29 28.51 -12.13
CA SER A 662 -24.72 27.30 -11.46
C SER A 662 -23.55 26.72 -10.67
N ILE A 663 -23.87 25.84 -9.73
CA ILE A 663 -22.89 25.33 -8.78
C ILE A 663 -22.83 23.83 -8.96
N ILE A 664 -21.64 23.34 -9.29
CA ILE A 664 -21.45 22.06 -9.93
C ILE A 664 -21.04 21.07 -8.84
N ILE A 665 -21.89 20.10 -8.56
CA ILE A 665 -21.55 19.10 -7.55
C ILE A 665 -20.33 18.33 -8.06
N PRO A 666 -19.16 18.42 -7.41
CA PRO A 666 -17.97 17.75 -7.94
C PRO A 666 -18.04 16.24 -7.81
N LEU A 667 -19.07 15.65 -8.43
CA LEU A 667 -19.27 14.20 -8.41
C LEU A 667 -19.72 13.78 -9.79
N ARG A 668 -18.89 12.97 -10.46
CA ARG A 668 -19.25 12.49 -11.79
C ARG A 668 -20.29 11.38 -11.65
N ILE A 669 -21.48 11.62 -12.20
CA ILE A 669 -22.56 10.65 -12.09
C ILE A 669 -22.29 9.48 -13.02
N PRO A 670 -22.47 8.24 -12.57
CA PRO A 670 -22.17 7.09 -13.42
C PRO A 670 -23.15 6.96 -14.57
N SER A 671 -22.71 6.29 -15.62
CA SER A 671 -23.51 6.08 -16.82
C SER A 671 -24.50 4.93 -16.60
N GLU A 672 -25.29 4.63 -17.64
CA GLU A 672 -26.26 3.55 -17.52
C GLU A 672 -25.58 2.19 -17.39
N LEU A 673 -24.41 2.02 -18.04
CA LEU A 673 -23.69 0.76 -17.93
C LEU A 673 -23.35 0.42 -16.49
N TYR A 674 -23.07 1.44 -15.68
CA TYR A 674 -22.74 1.21 -14.27
C TYR A 674 -23.86 0.49 -13.55
N TYR A 675 -25.10 0.97 -13.72
CA TYR A 675 -26.23 0.42 -12.98
C TYR A 675 -26.58 -1.00 -13.40
N SER A 676 -25.98 -1.52 -14.46
CA SER A 676 -26.18 -2.90 -14.88
C SER A 676 -25.07 -3.82 -14.40
N THR A 677 -24.02 -3.28 -13.80
CA THR A 677 -22.91 -4.12 -13.36
C THR A 677 -23.20 -4.69 -11.97
N MET A 678 -22.38 -5.68 -11.60
CA MET A 678 -22.64 -6.42 -10.37
C MET A 678 -22.50 -5.55 -9.14
N GLU A 679 -21.55 -4.61 -9.15
CA GLU A 679 -21.36 -3.75 -7.99
C GLU A 679 -22.59 -2.90 -7.72
N ALA A 680 -23.20 -2.36 -8.77
CA ALA A 680 -24.43 -1.59 -8.60
C ALA A 680 -25.57 -2.48 -8.14
N LYS A 681 -25.74 -3.64 -8.80
CA LYS A 681 -26.82 -4.55 -8.43
C LYS A 681 -26.70 -5.03 -7.00
N LEU A 682 -25.47 -5.12 -6.49
CA LEU A 682 -25.22 -5.64 -5.14
C LEU A 682 -25.35 -4.56 -4.09
N HIS A 683 -24.57 -3.49 -4.20
CA HIS A 683 -24.53 -2.49 -3.14
C HIS A 683 -25.63 -1.43 -3.29
N LEU A 684 -25.87 -0.95 -4.50
CA LEU A 684 -26.83 0.13 -4.67
C LEU A 684 -28.27 -0.35 -4.86
N PHE A 685 -28.48 -1.55 -5.36
CA PHE A 685 -29.81 -2.14 -5.43
C PHE A 685 -30.02 -3.21 -4.37
N ASP A 686 -29.08 -3.35 -3.44
CA ASP A 686 -29.18 -4.27 -2.31
C ASP A 686 -29.38 -5.72 -2.75
N GLY A 687 -28.81 -6.07 -3.91
CA GLY A 687 -28.94 -7.42 -4.42
C GLY A 687 -30.21 -7.71 -5.18
N SER A 688 -31.03 -6.70 -5.45
CA SER A 688 -32.25 -6.92 -6.22
C SER A 688 -31.91 -7.30 -7.66
N GLY A 689 -32.74 -8.17 -8.23
CA GLY A 689 -32.53 -8.64 -9.57
C GLY A 689 -31.57 -9.81 -9.70
N LEU A 690 -30.97 -10.25 -8.61
CA LEU A 690 -30.03 -11.38 -8.63
C LEU A 690 -30.71 -12.62 -8.06
N SER A 691 -30.47 -13.75 -8.72
CA SER A 691 -31.10 -15.01 -8.33
C SER A 691 -30.20 -15.91 -7.51
N HIS A 692 -28.89 -15.63 -7.45
CA HIS A 692 -27.94 -16.48 -6.77
C HIS A 692 -27.26 -15.79 -5.59
N TYR A 693 -27.77 -14.65 -5.13
CA TYR A 693 -27.13 -13.89 -4.07
C TYR A 693 -28.19 -13.28 -3.17
N ARG A 694 -27.98 -13.39 -1.86
CA ARG A 694 -28.86 -12.80 -0.86
C ARG A 694 -28.01 -12.03 0.14
N MET A 695 -28.53 -10.90 0.60
CA MET A 695 -27.84 -10.13 1.64
C MET A 695 -28.08 -10.82 2.98
N ILE A 696 -27.00 -11.06 3.71
CA ILE A 696 -27.09 -11.73 5.01
C ILE A 696 -26.72 -10.81 6.17
N TYR A 697 -25.99 -9.72 5.93
CA TYR A 697 -25.57 -8.82 6.98
C TYR A 697 -25.10 -7.51 6.36
N GLU A 698 -25.46 -6.40 6.99
CA GLU A 698 -24.95 -5.09 6.61
C GLU A 698 -24.56 -4.33 7.87
N SER A 699 -23.51 -3.55 7.76
CA SER A 699 -22.99 -2.80 8.89
C SER A 699 -23.80 -1.54 9.12
N ASP A 700 -23.36 -0.73 10.08
CA ASP A 700 -24.00 0.55 10.34
C ASP A 700 -23.82 1.50 9.17
N TYR A 701 -24.60 2.59 9.18
CA TYR A 701 -24.52 3.60 8.14
C TYR A 701 -23.17 4.29 8.16
N PRO A 702 -22.84 5.03 7.10
CA PRO A 702 -21.74 6.00 7.20
C PRO A 702 -21.99 6.94 8.37
N ALA A 703 -20.90 7.36 9.03
CA ALA A 703 -21.01 8.12 10.27
C ALA A 703 -21.82 9.39 10.07
N GLU A 704 -21.67 10.05 8.92
CA GLU A 704 -22.37 11.30 8.68
C GLU A 704 -23.87 11.10 8.67
N TRP A 705 -24.35 10.05 7.97
CA TRP A 705 -25.78 9.82 7.90
C TRP A 705 -26.33 9.23 9.20
N LYS A 706 -25.54 8.44 9.91
CA LYS A 706 -25.93 8.03 11.26
C LYS A 706 -26.20 9.24 12.13
N SER A 707 -25.40 10.30 11.95
CA SER A 707 -25.65 11.58 12.61
C SER A 707 -26.86 12.29 12.01
N TYR A 708 -27.07 12.16 10.70
CA TYR A 708 -28.19 12.82 10.07
C TYR A 708 -29.52 12.27 10.57
N SER A 709 -29.56 10.97 10.85
CA SER A 709 -30.81 10.29 11.20
C SER A 709 -31.40 10.77 12.51
N SER A 710 -30.65 11.54 13.31
CA SER A 710 -31.23 12.08 14.54
C SER A 710 -32.29 13.15 14.25
N GLN A 711 -32.27 13.74 13.06
CA GLN A 711 -33.25 14.75 12.68
C GLN A 711 -33.83 14.54 11.29
N VAL A 712 -33.43 13.48 10.58
CA VAL A 712 -33.91 13.20 9.23
C VAL A 712 -34.59 11.83 9.24
N ASN A 713 -35.76 11.77 8.60
CA ASN A 713 -36.52 10.53 8.49
C ASN A 713 -35.95 9.72 7.33
N LEU A 714 -35.15 8.70 7.63
CA LEU A 714 -34.57 7.87 6.58
C LEU A 714 -35.59 6.97 5.91
N ASN A 715 -36.85 7.01 6.36
CA ASN A 715 -37.95 6.39 5.65
C ASN A 715 -38.74 7.40 4.83
N ASN A 716 -38.27 8.64 4.78
CA ASN A 716 -38.90 9.72 4.00
C ASN A 716 -37.95 10.05 2.85
N GLU A 717 -38.29 9.58 1.65
CA GLU A 717 -37.44 9.82 0.49
C GLU A 717 -37.23 11.31 0.24
N SER A 718 -38.22 12.14 0.56
CA SER A 718 -38.08 13.58 0.34
C SER A 718 -37.11 14.19 1.33
N GLN A 719 -37.14 13.74 2.60
CA GLN A 719 -36.23 14.28 3.60
C GLN A 719 -34.79 13.88 3.32
N VAL A 720 -34.55 12.61 2.98
CA VAL A 720 -33.23 12.19 2.54
C VAL A 720 -32.76 13.01 1.35
N LEU A 721 -33.63 13.20 0.35
CA LEU A 721 -33.21 13.92 -0.84
C LEU A 721 -32.80 15.35 -0.51
N GLN A 722 -33.62 16.06 0.27
CA GLN A 722 -33.28 17.43 0.65
C GLN A 722 -31.97 17.48 1.43
N THR A 723 -31.74 16.50 2.31
CA THR A 723 -30.52 16.49 3.09
C THR A 723 -29.30 16.25 2.22
N ALA A 724 -29.39 15.29 1.30
CA ALA A 724 -28.27 15.00 0.41
C ALA A 724 -27.97 16.18 -0.51
N LEU A 725 -29.01 16.83 -1.04
CA LEU A 725 -28.80 17.99 -1.89
C LEU A 725 -28.26 19.17 -1.10
N TYR A 726 -28.70 19.32 0.15
CA TYR A 726 -28.20 20.40 0.99
C TYR A 726 -26.71 20.24 1.28
N GLU A 727 -26.30 19.03 1.65
CA GLU A 727 -24.89 18.77 1.92
C GLU A 727 -24.04 18.94 0.66
N ALA A 728 -24.52 18.42 -0.47
CA ALA A 728 -23.73 18.46 -1.70
C ALA A 728 -23.44 19.89 -2.13
N VAL A 729 -24.43 20.77 -2.02
CA VAL A 729 -24.19 22.17 -2.37
C VAL A 729 -23.27 22.83 -1.35
N MET A 730 -23.49 22.54 -0.06
CA MET A 730 -22.66 23.13 0.99
C MET A 730 -21.18 22.78 0.79
N ARG A 731 -20.89 21.55 0.37
CA ARG A 731 -19.52 21.14 0.13
C ARG A 731 -19.03 21.46 -1.28
N ALA A 732 -19.94 21.53 -2.25
CA ALA A 732 -19.55 22.01 -3.58
C ALA A 732 -19.14 23.47 -3.54
N ARG A 733 -19.74 24.25 -2.63
CA ARG A 733 -19.35 25.64 -2.44
C ARG A 733 -17.87 25.77 -2.15
N TYR A 734 -17.27 24.75 -1.52
CA TYR A 734 -15.86 24.73 -1.21
C TYR A 734 -15.08 23.79 -2.14
N GLY A 735 -15.67 23.39 -3.25
CA GLY A 735 -14.99 22.50 -4.18
C GLY A 735 -14.69 21.14 -3.60
N VAL A 736 -15.53 20.64 -2.70
CA VAL A 736 -15.34 19.35 -2.06
C VAL A 736 -16.50 18.44 -2.43
N SER A 737 -16.19 17.17 -2.70
CA SER A 737 -17.22 16.20 -3.02
C SER A 737 -18.12 15.95 -1.81
N PRO A 738 -19.36 15.56 -2.04
CA PRO A 738 -20.23 15.17 -0.92
C PRO A 738 -19.73 13.90 -0.24
N THR A 739 -20.22 13.67 0.97
CA THR A 739 -19.81 12.49 1.72
C THR A 739 -20.27 11.22 1.02
N MET A 740 -19.69 10.09 1.43
CA MET A 740 -19.93 8.84 0.71
C MET A 740 -21.39 8.43 0.78
N GLY A 741 -21.98 8.47 1.99
CA GLY A 741 -23.39 8.16 2.10
C GLY A 741 -24.27 9.05 1.25
N THR A 742 -23.83 10.28 0.99
CA THR A 742 -24.57 11.19 0.12
C THR A 742 -24.31 10.86 -1.35
N GLN A 743 -23.09 10.44 -1.68
CA GLN A 743 -22.81 10.02 -3.06
C GLN A 743 -23.68 8.84 -3.45
N GLU A 744 -23.93 7.92 -2.52
CA GLU A 744 -24.82 6.80 -2.81
C GLU A 744 -26.24 7.28 -3.06
N VAL A 745 -26.73 8.21 -2.23
CA VAL A 745 -28.07 8.76 -2.41
C VAL A 745 -28.16 9.51 -3.74
N LEU A 746 -27.13 10.29 -4.08
CA LEU A 746 -27.13 10.99 -5.35
C LEU A 746 -27.08 10.02 -6.52
N TYR A 747 -26.34 8.92 -6.38
CA TYR A 747 -26.33 7.89 -7.39
C TYR A 747 -27.73 7.29 -7.60
N LYS A 748 -28.47 7.09 -6.50
CA LYS A 748 -29.81 6.52 -6.61
C LYS A 748 -30.79 7.53 -7.20
N TYR A 749 -30.65 8.80 -6.84
CA TYR A 749 -31.51 9.84 -7.41
C TYR A 749 -31.30 9.96 -8.92
N ALA A 750 -30.04 9.88 -9.36
CA ALA A 750 -29.77 9.99 -10.79
C ALA A 750 -30.36 8.82 -11.56
N TYR A 751 -30.36 7.62 -10.97
CA TYR A 751 -30.96 6.47 -11.64
C TYR A 751 -32.46 6.65 -11.78
N THR A 752 -33.11 7.26 -10.78
CA THR A 752 -34.56 7.44 -10.85
C THR A 752 -34.96 8.54 -11.82
N GLN A 753 -34.06 9.49 -12.10
CA GLN A 753 -34.37 10.59 -13.00
C GLN A 753 -33.88 10.36 -14.43
N LEU A 754 -33.07 9.33 -14.67
CA LEU A 754 -32.48 9.12 -15.99
C LEU A 754 -32.79 7.77 -16.59
N TYR A 755 -32.75 6.68 -15.80
CA TYR A 755 -32.84 5.34 -16.35
C TYR A 755 -33.90 4.47 -15.67
N GLU A 756 -34.76 5.04 -14.84
CA GLU A 756 -35.73 4.23 -14.12
C GLU A 756 -37.07 4.13 -14.86
N LYS A 757 -37.60 5.26 -15.33
CA LYS A 757 -38.93 5.26 -15.95
C LYS A 757 -38.99 4.35 -17.16
N LYS A 758 -37.88 4.20 -17.87
CA LYS A 758 -37.83 3.26 -18.99
C LYS A 758 -38.01 1.82 -18.54
N MET A 759 -38.01 1.54 -17.26
CA MET A 759 -38.01 0.14 -16.87
C MET A 759 -39.03 -0.21 -15.78
N GLY A 760 -39.27 0.68 -14.82
CA GLY A 760 -40.29 0.47 -13.81
C GLY A 760 -39.82 -0.06 -12.47
N ILE A 761 -38.58 -0.51 -12.37
CA ILE A 761 -38.00 -0.96 -11.10
C ILE A 761 -37.40 0.25 -10.41
N PRO A 762 -37.99 0.76 -9.33
CA PRO A 762 -37.40 1.90 -8.62
C PRO A 762 -36.41 1.47 -7.55
N VAL A 763 -35.72 2.46 -7.00
CA VAL A 763 -34.77 2.28 -5.92
C VAL A 763 -35.06 3.33 -4.85
N LYS A 764 -35.11 2.89 -3.59
CA LYS A 764 -35.35 3.81 -2.49
C LYS A 764 -34.20 4.80 -2.34
N ILE A 765 -34.52 6.08 -2.22
CA ILE A 765 -33.51 7.12 -2.11
C ILE A 765 -32.76 7.08 -0.78
N ALA A 766 -33.20 6.24 0.16
CA ALA A 766 -32.56 6.16 1.47
C ALA A 766 -31.11 5.72 1.36
N PRO A 767 -30.29 6.07 2.36
CA PRO A 767 -28.93 5.53 2.43
C PRO A 767 -28.96 4.10 2.94
N SER A 768 -27.77 3.50 3.07
CA SER A 768 -27.66 2.12 3.49
C SER A 768 -26.36 1.94 4.27
N GLY A 769 -26.12 0.71 4.72
CA GLY A 769 -24.95 0.43 5.52
C GLY A 769 -23.66 0.56 4.76
N TYR A 770 -22.58 0.80 5.50
CA TYR A 770 -21.26 1.01 4.90
C TYR A 770 -20.76 -0.27 4.24
N VAL A 771 -20.79 -1.38 4.97
CA VAL A 771 -20.29 -2.66 4.48
C VAL A 771 -21.45 -3.63 4.39
N LYS A 772 -21.50 -4.38 3.28
CA LYS A 772 -22.56 -5.33 3.03
C LYS A 772 -21.97 -6.69 2.68
N ILE A 773 -22.55 -7.74 3.25
CA ILE A 773 -22.10 -9.12 3.03
C ILE A 773 -23.21 -9.89 2.34
N PHE A 774 -22.88 -10.58 1.26
CA PHE A 774 -23.81 -11.43 0.52
C PHE A 774 -23.29 -12.86 0.50
N GLU A 775 -24.21 -13.81 0.44
CA GLU A 775 -23.87 -15.23 0.33
C GLU A 775 -24.28 -15.73 -1.06
N ARG A 776 -23.38 -16.48 -1.70
CA ARG A 776 -23.70 -17.09 -2.99
C ARG A 776 -24.60 -18.29 -2.79
N VAL A 777 -25.67 -18.36 -3.58
CA VAL A 777 -26.76 -19.31 -3.39
C VAL A 777 -27.03 -20.07 -4.68
N LYS A 778 -27.23 -21.37 -4.57
CA LYS A 778 -27.73 -22.16 -5.69
C LYS A 778 -29.10 -21.64 -6.13
N GLY A 779 -30.05 -21.62 -5.22
CA GLY A 779 -31.33 -20.96 -5.45
C GLY A 779 -32.49 -21.93 -5.60
N ALA A 780 -33.60 -21.61 -4.95
CA ALA A 780 -34.82 -22.39 -5.08
C ALA A 780 -35.48 -22.06 -6.41
N VAL A 781 -35.64 -23.07 -7.27
CA VAL A 781 -36.19 -22.89 -8.60
C VAL A 781 -37.71 -22.99 -8.51
N VAL A 782 -38.39 -21.89 -8.70
CA VAL A 782 -39.85 -21.85 -8.71
C VAL A 782 -40.29 -21.76 -10.16
N THR A 783 -40.78 -22.87 -10.70
CA THR A 783 -41.27 -22.93 -12.07
C THR A 783 -42.73 -23.37 -12.07
N GLY A 784 -43.45 -23.01 -13.12
CA GLY A 784 -44.86 -23.37 -13.19
C GLY A 784 -45.46 -22.94 -14.51
N LYS A 785 -46.69 -23.42 -14.74
CA LYS A 785 -47.43 -23.06 -15.93
C LYS A 785 -47.96 -21.63 -15.83
N VAL A 786 -48.42 -21.09 -16.95
CA VAL A 786 -48.86 -19.71 -17.03
C VAL A 786 -49.99 -19.63 -18.04
N SER A 787 -50.69 -18.49 -18.05
CA SER A 787 -51.84 -18.32 -18.94
C SER A 787 -51.40 -18.20 -20.39
N ALA A 788 -52.37 -17.98 -21.28
CA ALA A 788 -52.12 -18.09 -22.71
C ALA A 788 -51.39 -16.88 -23.27
N ASN A 789 -51.72 -15.67 -22.80
CA ASN A 789 -51.17 -14.48 -23.44
C ASN A 789 -50.41 -13.57 -22.47
N VAL A 790 -49.37 -14.08 -21.83
CA VAL A 790 -48.43 -13.26 -21.08
C VAL A 790 -47.02 -13.68 -21.46
N THR A 791 -46.11 -12.71 -21.53
CA THR A 791 -44.74 -12.96 -21.92
C THR A 791 -43.75 -12.65 -20.81
N GLU A 792 -44.22 -12.27 -19.62
CA GLU A 792 -43.34 -11.83 -18.55
C GLU A 792 -43.94 -12.22 -17.21
N VAL A 793 -43.07 -12.58 -16.27
CA VAL A 793 -43.47 -12.95 -14.92
C VAL A 793 -42.54 -12.24 -13.95
N SER A 794 -43.11 -11.62 -12.92
CA SER A 794 -42.34 -10.85 -11.95
C SER A 794 -42.48 -11.46 -10.56
N VAL A 795 -41.44 -11.25 -9.74
CA VAL A 795 -41.40 -11.76 -8.36
C VAL A 795 -41.14 -10.59 -7.42
N ASN A 796 -41.86 -10.56 -6.31
CA ASN A 796 -41.87 -9.43 -5.39
C ASN A 796 -41.67 -9.96 -3.96
N ALA A 797 -40.77 -9.32 -3.22
CA ALA A 797 -40.53 -9.69 -1.83
C ALA A 797 -39.85 -8.53 -1.12
N THR A 798 -40.17 -8.39 0.17
CA THR A 798 -39.61 -7.32 1.00
C THR A 798 -38.59 -7.92 1.95
N ILE A 799 -37.37 -7.35 1.94
CA ILE A 799 -36.27 -7.81 2.77
C ILE A 799 -35.98 -6.74 3.81
N LYS A 800 -35.69 -7.17 5.04
CA LYS A 800 -35.35 -6.28 6.13
C LYS A 800 -33.98 -6.68 6.70
N THR A 801 -33.11 -5.69 6.86
CA THR A 801 -31.74 -5.92 7.29
C THR A 801 -31.62 -5.81 8.80
N ASN A 802 -30.43 -6.16 9.31
CA ASN A 802 -30.14 -6.07 10.73
C ASN A 802 -30.07 -4.63 11.25
N GLN A 803 -30.13 -3.64 10.36
CA GLN A 803 -30.19 -2.24 10.75
C GLN A 803 -31.60 -1.68 10.71
N ASN A 804 -32.60 -2.56 10.69
CA ASN A 804 -34.03 -2.22 10.56
C ASN A 804 -34.37 -1.55 9.24
N ARG A 805 -33.41 -1.44 8.32
CA ARG A 805 -33.68 -0.90 7.00
C ARG A 805 -34.26 -1.98 6.10
N THR A 806 -35.19 -1.59 5.23
CA THR A 806 -35.84 -2.57 4.37
C THR A 806 -35.78 -2.11 2.91
N PHE A 807 -35.81 -3.08 2.00
CA PHE A 807 -35.78 -2.78 0.58
C PHE A 807 -36.58 -3.85 -0.15
N GLU A 808 -36.86 -3.59 -1.42
CA GLU A 808 -37.61 -4.50 -2.26
C GLU A 808 -36.66 -5.36 -3.09
N TYR A 809 -36.92 -6.66 -3.12
CA TYR A 809 -36.22 -7.58 -4.00
C TYR A 809 -37.13 -7.93 -5.17
N TRP A 810 -36.73 -7.55 -6.37
CA TRP A 810 -37.49 -7.80 -7.58
C TRP A 810 -36.75 -8.77 -8.47
N GLN A 811 -37.51 -9.43 -9.36
CA GLN A 811 -36.93 -10.27 -10.40
C GLN A 811 -37.98 -10.52 -11.46
N THR A 812 -37.59 -10.37 -12.72
CA THR A 812 -38.49 -10.58 -13.84
C THR A 812 -37.86 -11.58 -14.81
N VAL A 813 -38.68 -12.50 -15.31
CA VAL A 813 -38.25 -13.47 -16.31
C VAL A 813 -39.30 -13.51 -17.41
N GLU A 814 -38.87 -13.87 -18.62
CA GLU A 814 -39.77 -14.02 -19.74
C GLU A 814 -40.34 -15.44 -19.78
N VAL A 815 -41.56 -15.55 -20.30
CA VAL A 815 -42.24 -16.83 -20.42
C VAL A 815 -41.80 -17.49 -21.72
N LYS A 816 -41.46 -18.77 -21.64
CA LYS A 816 -41.11 -19.56 -22.82
C LYS A 816 -41.86 -20.87 -22.77
N ASN A 817 -42.48 -21.25 -23.88
CA ASN A 817 -43.27 -22.48 -23.99
C ASN A 817 -44.39 -22.51 -22.97
N GLY A 818 -44.99 -21.35 -22.71
CA GLY A 818 -46.06 -21.25 -21.72
C GLY A 818 -45.62 -21.56 -20.31
N THR A 819 -44.37 -21.27 -19.98
CA THR A 819 -43.83 -21.63 -18.68
C THR A 819 -42.81 -20.59 -18.25
N TYR A 820 -42.81 -20.27 -16.95
CA TYR A 820 -41.84 -19.37 -16.35
C TYR A 820 -40.93 -20.16 -15.40
N THR A 821 -39.80 -19.54 -15.07
CA THR A 821 -38.85 -20.15 -14.14
C THR A 821 -38.05 -19.03 -13.48
N VAL A 822 -38.25 -18.86 -12.18
CA VAL A 822 -37.49 -17.93 -11.37
C VAL A 822 -36.74 -18.71 -10.30
N VAL A 823 -35.59 -18.16 -9.90
CA VAL A 823 -34.67 -18.78 -8.96
C VAL A 823 -34.51 -17.79 -7.81
N LEU A 824 -34.81 -18.23 -6.59
CA LEU A 824 -34.95 -17.28 -5.48
C LEU A 824 -33.88 -17.52 -4.42
N PRO A 825 -33.17 -16.48 -3.98
CA PRO A 825 -32.03 -16.68 -3.06
C PRO A 825 -32.38 -16.59 -1.59
N TYR A 826 -33.49 -15.93 -1.26
CA TYR A 826 -33.89 -15.76 0.13
C TYR A 826 -34.82 -16.88 0.58
N SER A 827 -34.80 -17.16 1.88
CA SER A 827 -35.71 -18.11 2.50
C SER A 827 -36.36 -17.46 3.71
N HIS A 828 -37.40 -18.10 4.22
CA HIS A 828 -38.20 -17.53 5.31
C HIS A 828 -37.96 -18.19 6.65
N ASN A 829 -36.99 -19.10 6.75
CA ASN A 829 -36.62 -19.72 8.01
C ASN A 829 -35.10 -19.73 8.17
N SER A 830 -34.44 -18.68 7.70
CA SER A 830 -33.00 -18.59 7.77
C SER A 830 -32.54 -18.07 9.13
N ASP A 831 -31.29 -18.39 9.47
CA ASP A 831 -30.69 -17.94 10.72
C ASP A 831 -30.01 -16.58 10.60
N TYR A 832 -29.97 -16.00 9.41
CA TYR A 832 -29.22 -14.78 9.19
C TYR A 832 -30.00 -13.56 9.67
N PRO A 833 -29.30 -12.50 10.08
CA PRO A 833 -29.99 -11.31 10.60
C PRO A 833 -30.67 -10.46 9.53
N VAL A 834 -30.62 -10.85 8.26
CA VAL A 834 -31.31 -10.14 7.19
C VAL A 834 -32.33 -11.11 6.61
N LYS A 835 -33.60 -10.88 6.94
CA LYS A 835 -34.67 -11.82 6.58
C LYS A 835 -35.69 -11.14 5.68
N PRO A 836 -36.40 -11.92 4.86
CA PRO A 836 -37.63 -11.41 4.24
C PRO A 836 -38.74 -11.28 5.28
N ILE A 837 -39.54 -10.23 5.14
CA ILE A 837 -40.67 -9.99 6.02
C ILE A 837 -42.00 -10.21 5.33
N THR A 838 -41.99 -10.52 4.04
CA THR A 838 -43.18 -10.83 3.26
C THR A 838 -42.90 -12.09 2.45
N PRO A 839 -43.95 -12.81 2.04
CA PRO A 839 -43.75 -13.91 1.09
C PRO A 839 -43.36 -13.37 -0.28
N TYR A 840 -43.01 -14.29 -1.16
CA TYR A 840 -42.77 -13.95 -2.56
C TYR A 840 -44.11 -13.72 -3.25
N HIS A 841 -44.32 -12.50 -3.77
CA HIS A 841 -45.50 -12.22 -4.59
C HIS A 841 -45.11 -12.46 -6.05
N ILE A 842 -45.67 -13.50 -6.64
CA ILE A 842 -45.34 -13.89 -8.01
C ILE A 842 -46.53 -13.58 -8.90
N LYS A 843 -46.30 -12.73 -9.91
CA LYS A 843 -47.35 -12.27 -10.81
C LYS A 843 -47.14 -12.85 -12.20
N ALA A 844 -48.24 -13.21 -12.86
CA ALA A 844 -48.23 -13.75 -14.21
C ALA A 844 -49.40 -13.12 -14.98
N GLY A 845 -49.25 -11.84 -15.32
CA GLY A 845 -50.32 -11.09 -15.95
C GLY A 845 -51.36 -10.64 -14.93
N ASN A 846 -52.47 -11.36 -14.87
CA ASN A 846 -53.55 -11.04 -13.94
C ASN A 846 -53.67 -12.05 -12.80
N VAL A 847 -52.75 -13.01 -12.72
CA VAL A 847 -52.78 -14.06 -11.70
C VAL A 847 -51.63 -13.82 -10.74
N VAL A 848 -51.94 -13.78 -9.45
CA VAL A 848 -50.97 -13.55 -8.39
C VAL A 848 -51.00 -14.75 -7.44
N LYS A 849 -49.83 -15.17 -6.98
CA LYS A 849 -49.73 -16.19 -5.94
C LYS A 849 -48.57 -15.84 -5.03
N GLU A 850 -48.64 -16.31 -3.79
CA GLU A 850 -47.64 -16.04 -2.78
C GLU A 850 -47.05 -17.34 -2.27
N ILE A 851 -45.73 -17.36 -2.10
CA ILE A 851 -45.01 -18.57 -1.72
C ILE A 851 -43.94 -18.20 -0.69
N THR A 852 -43.74 -19.11 0.28
CA THR A 852 -42.64 -19.01 1.23
C THR A 852 -41.70 -20.19 1.01
N ILE A 853 -40.41 -19.92 1.13
CA ILE A 853 -39.37 -20.88 0.71
C ILE A 853 -38.58 -21.32 1.94
N TYR A 854 -38.36 -22.63 2.04
CA TYR A 854 -37.52 -23.18 3.09
C TYR A 854 -36.04 -22.91 2.80
N GLU A 855 -35.24 -22.91 3.87
CA GLU A 855 -33.81 -22.76 3.70
C GLU A 855 -33.18 -23.97 3.01
N SER A 856 -33.75 -25.16 3.26
CA SER A 856 -33.22 -26.37 2.63
C SER A 856 -33.39 -26.32 1.11
N GLN A 857 -34.50 -25.77 0.64
CA GLN A 857 -34.71 -25.63 -0.80
C GLN A 857 -33.78 -24.60 -1.41
N VAL A 858 -33.29 -23.65 -0.63
CA VAL A 858 -32.36 -22.64 -1.14
C VAL A 858 -30.95 -23.19 -1.23
N GLN A 859 -30.51 -23.93 -0.20
CA GLN A 859 -29.17 -24.50 -0.22
C GLN A 859 -29.03 -25.54 -1.33
N ASN A 860 -30.01 -26.44 -1.45
CA ASN A 860 -29.91 -27.58 -2.35
C ASN A 860 -30.49 -27.30 -3.74
N GLY A 861 -31.13 -26.15 -3.94
CA GLY A 861 -31.69 -25.81 -5.22
C GLY A 861 -32.85 -26.71 -5.62
N GLU A 862 -33.87 -26.77 -4.76
CA GLU A 862 -35.03 -27.61 -5.02
C GLU A 862 -35.96 -26.95 -6.02
N ILE A 863 -36.58 -27.75 -6.87
CA ILE A 863 -37.54 -27.27 -7.85
C ILE A 863 -38.93 -27.29 -7.23
N ILE A 864 -39.66 -26.18 -7.38
CA ILE A 864 -41.00 -26.03 -6.82
C ILE A 864 -41.95 -25.71 -7.97
N GLN A 865 -43.07 -26.43 -8.03
CA GLN A 865 -44.05 -26.26 -9.08
C GLN A 865 -45.15 -25.31 -8.61
N LEU A 866 -45.32 -24.20 -9.32
CA LEU A 866 -46.30 -23.18 -8.95
C LEU A 866 -46.96 -22.66 -10.23
N ASP A 867 -48.11 -23.22 -10.58
CA ASP A 867 -48.84 -22.80 -11.77
C ASP A 867 -49.62 -21.52 -11.50
N LEU A 868 -49.66 -20.64 -12.50
CA LEU A 868 -50.38 -19.37 -12.44
C LEU A 868 -51.29 -19.25 -13.65
N GLU A 869 -52.05 -20.30 -13.92
CA GLU A 869 -52.76 -20.46 -15.18
C GLU A 869 -54.26 -20.27 -14.99
N LEU A 870 -54.89 -19.65 -15.99
CA LEU A 870 -56.33 -19.51 -16.08
C LEU A 870 -56.81 -20.15 -17.38
N ALA A 871 -58.10 -20.52 -17.39
CA ALA A 871 -58.66 -21.17 -18.56
C ALA A 871 -58.75 -20.21 -19.74
N LEU A 872 -59.56 -19.16 -19.60
CA LEU A 872 -59.71 -18.13 -20.62
C LEU A 872 -60.05 -18.71 -22.00
N ALA B 1 -3.34 10.09 3.52
CA ALA B 1 -2.39 9.04 3.85
C ALA B 1 -2.34 7.98 2.74
N PRO B 2 -1.37 8.11 1.83
CA PRO B 2 -1.23 7.14 0.72
C PRO B 2 -0.49 5.89 1.18
N TYR B 3 -1.20 4.76 1.21
CA TYR B 3 -0.57 3.47 1.50
C TYR B 3 -0.94 2.44 0.43
N DAB B 4 -0.72 1.16 0.73
CA DAB B 4 -1.04 0.09 -0.20
C DAB B 4 -2.57 -0.13 -0.41
O DAB B 4 -3.11 -1.23 -0.08
CB DAB B 4 -0.44 -1.24 0.24
CG DAB B 4 -0.15 -2.17 -0.94
ND DAB B 4 0.45 -3.44 -0.61
N VAL B 5 -3.25 0.88 -0.97
CA VAL B 5 -4.69 0.87 -1.10
C VAL B 5 -5.09 1.67 -2.35
N THR B 6 -6.33 1.48 -2.80
CA THR B 6 -6.84 2.26 -3.92
C THR B 6 -7.04 3.72 -3.51
N ALA B 7 -6.81 4.62 -4.46
CA ALA B 7 -6.69 6.04 -4.17
C ALA B 7 -8.01 6.78 -4.40
N SER B 8 -8.02 8.04 -3.97
CA SER B 8 -9.07 9.02 -4.25
C SER B 8 -10.41 8.59 -3.64
N CYS B 9 -10.42 8.58 -2.31
CA CYS B 9 -11.65 8.33 -1.55
C CYS B 9 -11.64 9.08 -0.22
MN MN C . 3.42 -1.62 2.61
C10 J06 D . 28.60 -2.98 -12.00
C11 J06 D . 27.98 -1.75 -12.73
C12 J06 D . 27.75 -0.47 -11.87
C13 J06 D . 26.33 -0.40 -11.31
C14 J06 D . 28.13 0.87 -12.60
C15 J06 D . 27.11 1.65 -13.48
C19 J06 D . 26.62 3.42 -16.80
C20 J06 D . 26.90 4.87 -16.45
C16 J06 D . 27.69 2.37 -14.74
C17 J06 D . 26.95 2.33 -16.07
C18 J06 D . 26.60 0.96 -16.55
C21 J06 D . 26.13 5.97 -17.24
C22 J06 D . 26.66 7.41 -17.19
C23 J06 D . 27.61 7.77 -18.27
C01 J06 D . 25.88 -9.43 -11.86
C02 J06 D . 25.69 -9.08 -10.38
C03 J06 D . 26.99 -9.42 -9.67
C04 J06 D . 25.27 -7.60 -10.16
C05 J06 D . 26.19 -6.55 -10.83
C06 J06 D . 25.57 -5.14 -10.93
C07 J06 D . 26.22 -4.18 -11.98
C08 J06 D . 25.57 -4.43 -13.35
C09 J06 D . 27.80 -4.31 -12.10
C24 J06 D . 26.33 8.33 -16.25
C25 J06 D . 25.37 8.17 -15.06
C26 J06 D . 25.69 9.07 -13.80
C27 J06 D . 24.58 9.62 -12.88
C28 J06 D . 24.02 10.95 -13.25
C29 J06 D . 24.11 8.96 -11.80
C30 J06 D . 24.53 7.60 -11.24
C31 J06 D . 23.58 6.37 -11.44
C32 J06 D . 24.12 4.94 -11.45
C33 J06 D . 25.29 4.69 -12.35
C34 J06 D . 23.60 3.93 -10.73
C35 J06 D . 22.42 3.97 -9.76
C36 J06 D . 21.14 3.18 -10.19
C37 J06 D . 20.16 3.70 -11.26
C38 J06 D . 20.72 4.07 -12.59
C39 J06 D . 18.84 3.82 -11.02
C40 J06 D . 18.13 3.49 -9.74
C41 J06 D . 16.61 3.72 -9.63
C42 J06 D . 15.74 2.66 -10.26
C43 J06 D . 15.49 2.89 -11.73
C44 J06 D . 15.21 1.60 -9.66
C45 J06 D . 15.36 1.21 -8.22
C46 J06 D . 14.15 1.52 -7.31
C47 J06 D . 14.12 0.85 -5.96
C48 J06 D . 14.50 1.72 -4.81
C49 J06 D . 13.79 -0.44 -5.76
C50 J06 D . 13.40 -1.44 -6.81
C51 J06 D . 13.76 -2.92 -6.55
C52 J06 D . 12.92 -4.02 -7.15
C53 J06 D . 13.63 -4.86 -8.17
C54 J06 D . 11.63 -4.27 -6.85
C55 J06 D . 10.72 -3.57 -5.87
C56 J06 D . 9.23 -4.00 -5.88
C57 J06 D . 8.28 -3.20 -4.94
C58 J06 D . 8.83 -1.79 -4.72
C59 J06 D . 8.08 -3.85 -3.54
C60 J06 D . 6.65 -4.53 -3.33
O61 J06 D . 6.57 -5.03 -2.08
O63 J06 D . 4.78 -3.24 -1.40
O64 J06 D . 5.53 -5.00 0.31
O65 J06 D . 7.16 -3.14 -0.41
P62 J06 D . 5.92 -3.96 -0.72
C1 PEG E . -29.62 -5.80 -15.62
O1 PEG E . -28.42 -6.50 -16.10
C2 PEG E . -29.57 -4.34 -16.14
O2 PEG E . -30.45 -3.56 -15.28
C3 PEG E . -29.94 -2.28 -14.88
C4 PEG E . -31.09 -1.57 -14.10
O4 PEG E . -31.32 -2.30 -12.84
C1 PEG F . 23.07 1.57 12.96
O1 PEG F . 24.49 1.91 12.73
C2 PEG F . 23.03 0.44 14.03
O2 PEG F . 23.97 -0.57 13.60
C3 PEG F . 23.38 -1.85 13.24
C4 PEG F . 24.56 -2.86 13.18
O4 PEG F . 23.99 -4.22 13.17
C1 PEG G . 26.86 6.42 24.05
O1 PEG G . 25.93 7.12 24.94
C2 PEG G . 26.57 6.89 22.59
O2 PEG G . 25.41 6.16 22.14
C3 PEG G . 25.66 4.83 21.65
C4 PEG G . 24.47 4.45 20.74
O4 PEG G . 24.73 3.11 20.20
C1 PEG H . -21.76 -1.91 13.10
O1 PEG H . -20.96 -1.83 11.88
C2 PEG H . -23.06 -2.71 12.76
O2 PEG H . -23.93 -2.54 13.90
C3 PEG H . -24.75 -1.34 13.88
C4 PEG H . -24.64 -0.70 15.29
O4 PEG H . -25.47 0.51 15.29
C1 PEG I . -21.64 -3.50 17.58
O1 PEG I . -21.72 -3.38 16.11
C2 PEG I . -22.35 -2.25 18.19
O2 PEG I . -23.52 -2.73 18.89
C3 PEG I . -24.67 -3.01 18.06
C4 PEG I . -25.91 -2.86 18.98
O4 PEG I . -25.87 -1.53 19.59
O22 7E8 J . 15.82 -3.80 16.76
C19 7E8 J . 16.79 -4.69 17.41
O20 7E8 J . 19.22 -4.90 17.36
C17 7E8 J . 18.03 -6.01 15.56
O16 7E8 J . 18.60 -7.16 16.27
C8 7E8 J . 17.72 -8.26 16.44
O15 7E8 J . 17.08 -8.33 17.50
C7 7E8 J . 17.57 -9.32 15.32
C6 7E8 J . 16.21 -10.11 15.36
C5 7E8 J . 16.25 -11.53 14.68
C4 7E8 J . 15.71 -11.58 13.21
C3 7E8 J . 16.74 -12.10 12.14
C2 7E8 J . 16.46 -13.52 11.66
C1 7E8 J . 17.44 -14.42 11.35
C9 7E8 J . 18.93 -14.08 11.45
C10 7E8 J . 19.87 -15.34 11.30
C11 7E8 J . 21.21 -15.09 10.53
C12 7E8 J . 22.20 -16.31 10.51
C13 7E8 J . 23.49 -16.10 9.65
C14 7E8 J . 24.64 -17.11 9.95
C18 7E8 J . 18.06 -4.75 16.50
O22 7E8 K . -7.90 -0.79 23.04
C19 7E8 K . -7.44 -0.17 24.27
O20 7E8 K . -6.49 -2.41 24.55
C17 7E8 K . -6.04 -0.82 26.31
O16 7E8 K . -4.71 -1.12 25.80
C8 7E8 K . -3.77 -0.05 25.88
O15 7E8 K . -4.10 0.97 26.49
C7 7E8 K . -2.38 -0.21 25.18
C6 7E8 K . -1.14 0.00 26.11
C5 7E8 K . 0.24 -0.44 25.47
C4 7E8 K . 0.68 -1.92 25.79
C3 7E8 K . 1.99 -2.42 25.07
C2 7E8 K . 3.19 -2.50 26.00
C1 7E8 K . 4.44 -2.88 25.58
C9 7E8 K . 4.74 -3.26 24.13
C10 7E8 K . 6.11 -2.70 23.60
C11 7E8 K . 7.02 -3.77 22.87
C12 7E8 K . 7.99 -3.19 21.79
C13 7E8 K . 8.88 -4.27 21.08
C14 7E8 K . 10.37 -3.84 20.88
C18 7E8 K . -7.11 -1.32 25.28
O22 7E8 L . -20.09 -24.10 0.20
C19 7E8 L . -18.66 -24.35 0.21
O20 7E8 L . -18.98 -26.26 -1.25
C17 7E8 L . -18.77 -24.13 -2.36
O16 7E8 L . -19.42 -22.92 -1.87
C8 7E8 L . -20.42 -22.37 -2.74
O15 7E8 L . -20.39 -21.14 -2.94
C7 7E8 L . -21.47 -23.28 -3.40
C6 7E8 L . -22.83 -22.55 -3.70
C5 7E8 L . -23.58 -23.03 -5.01
C4 7E8 L . -23.61 -21.96 -6.16
C3 7E8 L . -24.44 -22.34 -7.42
C2 7E8 L . -24.79 -21.14 -8.29
C1 7E8 L . -25.32 -21.24 -9.55
C9 7E8 L . -25.66 -22.56 -10.22
C10 7E8 L . -26.66 -22.40 -11.41
C11 7E8 L . -27.81 -23.46 -11.46
C12 7E8 L . -29.20 -22.91 -10.95
C13 7E8 L . -30.18 -23.99 -10.40
C14 7E8 L . -30.59 -23.78 -8.92
C18 7E8 L . -18.28 -25.00 -1.15
O22 7E8 M . 6.20 3.82 -20.90
C19 7E8 M . 7.43 4.49 -20.50
O20 7E8 M . 6.48 4.24 -18.27
C17 7E8 M . 8.51 5.58 -18.40
O16 7E8 M . 8.45 6.96 -17.94
C8 7E8 M . 9.72 7.54 -17.58
O15 7E8 M . 9.83 8.77 -17.70
C7 7E8 M . 10.86 6.63 -17.05
C6 7E8 M . 11.54 7.12 -15.71
C5 7E8 M . 12.36 8.47 -15.80
C4 7E8 M . 12.82 9.08 -14.43
C3 7E8 M . 13.91 10.21 -14.52
C2 7E8 M . 13.53 11.53 -13.88
C1 7E8 M . 14.40 12.57 -13.72
C9 7E8 M . 15.86 12.50 -14.19
C10 7E8 M . 16.82 13.48 -13.44
C11 7E8 M . 18.33 13.03 -13.39
C12 7E8 M . 19.30 13.99 -12.62
C13 7E8 M . 20.81 13.61 -12.72
C14 7E8 M . 21.77 14.61 -12.02
C18 7E8 M . 7.15 5.19 -19.13
#